data_6DXA
#
_entry.id   6DXA
#
_cell.length_a   58.017
_cell.length_b   100.059
_cell.length_c   65.882
_cell.angle_alpha   90.000
_cell.angle_beta   110.810
_cell.angle_gamma   90.000
#
_symmetry.space_group_name_H-M   'P 1 21 1'
#
loop_
_entity.id
_entity.type
_entity.pdbx_description
1 polymer 'Chalcone synthase'
2 water water
#
_entity_poly.entity_id   1
_entity_poly.type   'polypeptide(L)'
_entity_poly.pdbx_seq_one_letter_code
;MAAGMMKDLEAFRKAQRADGPATILAIGTATPPNAVDQSSYPDYYFKITNSEHMTELKEKFRRMCDKSAIKKRYMYLTEE
ILKENPKVCEYMAPSLDARQDMVVVEVPRLGKEAAAKAIKEWGQPKSKITHVIFCTTSGVDMPGADYQLTKLLGLRPSVK
RVMMYQQG(CSD)FAGGTVLRVAKDLAENNRGARVLVVCSEITAVTFRGPSDTHLDSMVGQALFGDGAAALIVGADPVPE
VEKPCFELMWTAQTILPDSDGAIDGHLREVGLTFHLLKDVPGLISKNIEKSLVEAFQQFGISDWNQLFWIAHPGGPAILD
QVEAKLNLDPKKLSATRQVLSDYGNMSSACVHFILDEMRKSSKEKGCSTTGEGLDVGVLFGFGPGLTVETVVLKSVPLLD
;
_entity_poly.pdbx_strand_id   A,B
#
# COMPACT_ATOMS: atom_id res chain seq x y z
N GLY A 4 3.59 -33.29 9.32
CA GLY A 4 3.61 -33.50 7.88
C GLY A 4 4.79 -32.78 7.26
N MET A 5 4.61 -31.52 6.83
CA MET A 5 5.74 -30.69 6.41
C MET A 5 6.50 -30.14 7.62
N MET A 6 5.94 -30.42 8.81
CA MET A 6 6.51 -29.95 10.05
C MET A 6 7.79 -30.67 10.41
N LYS A 7 8.00 -31.86 9.85
CA LYS A 7 9.19 -32.63 10.20
C LYS A 7 10.39 -32.35 9.27
N ASP A 8 10.17 -31.54 8.23
CA ASP A 8 11.29 -31.00 7.47
C ASP A 8 10.95 -29.62 6.91
N LEU A 9 11.07 -28.62 7.76
CA LEU A 9 10.63 -27.28 7.41
C LEU A 9 11.61 -26.58 6.48
N GLU A 10 12.87 -26.98 6.51
CA GLU A 10 13.82 -26.50 5.52
C GLU A 10 13.38 -26.99 4.13
N ALA A 11 12.98 -28.26 4.03
CA ALA A 11 12.45 -28.81 2.77
C ALA A 11 11.18 -28.07 2.31
N PHE A 12 10.29 -27.78 3.26
CA PHE A 12 9.12 -26.97 2.98
C PHE A 12 9.48 -25.58 2.43
N ARG A 13 10.40 -24.89 3.10
CA ARG A 13 10.79 -23.56 2.67
C ARG A 13 11.36 -23.58 1.24
N LYS A 14 12.14 -24.60 0.94
CA LYS A 14 12.74 -24.70 -0.36
C LYS A 14 11.70 -25.06 -1.42
N ALA A 15 10.74 -25.92 -1.10
CA ALA A 15 9.67 -26.25 -2.07
C ALA A 15 8.77 -25.05 -2.30
N GLN A 16 8.63 -24.22 -1.27
CA GLN A 16 7.64 -23.14 -1.27
C GLN A 16 8.08 -21.94 -2.11
N ARG A 17 9.39 -21.75 -2.25
CA ARG A 17 9.91 -20.60 -2.95
C ARG A 17 10.22 -20.99 -4.41
N ALA A 18 10.27 -19.97 -5.28
CA ALA A 18 10.62 -20.14 -6.70
C ALA A 18 12.12 -20.27 -6.87
N ASP A 19 12.54 -20.66 -8.06
CA ASP A 19 13.97 -20.87 -8.34
C ASP A 19 14.65 -19.65 -8.94
N GLY A 20 14.05 -19.11 -10.01
CA GLY A 20 14.72 -18.15 -10.84
C GLY A 20 14.22 -16.74 -10.57
N PRO A 21 14.67 -15.79 -11.39
CA PRO A 21 14.31 -14.38 -11.24
C PRO A 21 12.87 -14.09 -11.67
N ALA A 22 12.25 -13.09 -11.06
CA ALA A 22 10.96 -12.59 -11.52
C ALA A 22 11.12 -12.10 -12.95
N THR A 23 10.12 -12.39 -13.76
CA THR A 23 10.11 -11.93 -15.14
C THR A 23 8.77 -11.27 -15.46
N ILE A 24 8.78 -10.34 -16.40
CA ILE A 24 7.57 -9.74 -16.93
C ILE A 24 7.12 -10.63 -18.07
N LEU A 25 5.93 -11.18 -17.93
CA LEU A 25 5.45 -12.17 -18.87
C LEU A 25 4.42 -11.59 -19.84
N ALA A 26 3.99 -10.36 -19.56
CA ALA A 26 2.98 -9.71 -20.38
C ALA A 26 2.76 -8.29 -19.92
N ILE A 27 2.44 -7.41 -20.86
CA ILE A 27 2.09 -6.03 -20.56
C ILE A 27 0.91 -5.61 -21.39
N GLY A 28 -0.14 -5.08 -20.76
CA GLY A 28 -1.25 -4.45 -21.47
C GLY A 28 -1.49 -3.04 -20.97
N THR A 29 -2.06 -2.18 -21.81
CA THR A 29 -2.32 -0.79 -21.40
C THR A 29 -3.72 -0.36 -21.82
N ALA A 30 -4.25 0.66 -21.16
CA ALA A 30 -5.55 1.16 -21.53
C ALA A 30 -5.63 2.63 -21.17
N THR A 31 -6.41 3.36 -21.93
CA THR A 31 -6.74 4.73 -21.57
C THR A 31 -8.22 5.03 -21.74
N PRO A 32 -8.70 6.09 -21.08
CA PRO A 32 -10.03 6.58 -21.38
C PRO A 32 -10.11 6.94 -22.84
N PRO A 33 -11.29 6.78 -23.45
CA PRO A 33 -11.38 6.95 -24.91
C PRO A 33 -11.14 8.40 -25.40
N ASN A 34 -11.44 9.39 -24.57
CA ASN A 34 -11.43 10.80 -24.99
C ASN A 34 -10.02 11.41 -25.09
N ALA A 35 -9.50 11.56 -26.31
CA ALA A 35 -8.16 12.12 -26.47
C ALA A 35 -8.23 13.65 -26.45
N VAL A 36 -7.33 14.27 -25.70
CA VAL A 36 -7.27 15.72 -25.65
C VAL A 36 -5.97 16.21 -26.30
N ASP A 37 -6.12 16.91 -27.44
CA ASP A 37 -5.03 17.60 -28.15
C ASP A 37 -4.38 18.75 -27.36
N GLN A 38 -3.07 18.67 -27.14
CA GLN A 38 -2.40 19.69 -26.33
C GLN A 38 -2.44 21.09 -26.98
N SER A 39 -2.29 21.17 -28.30
CA SER A 39 -2.37 22.44 -29.05
C SER A 39 -3.67 23.22 -28.78
N SER A 40 -4.75 22.51 -28.49
CA SER A 40 -6.02 23.21 -28.33
C SER A 40 -6.48 23.17 -26.88
N TYR A 41 -5.69 22.54 -26.00
CA TYR A 41 -6.10 22.43 -24.60
C TYR A 41 -6.27 23.76 -23.84
N PRO A 42 -5.34 24.71 -23.99
CA PRO A 42 -5.47 25.98 -23.26
C PRO A 42 -6.84 26.59 -23.47
N ASP A 43 -7.30 26.63 -24.73
CA ASP A 43 -8.58 27.21 -25.04
C ASP A 43 -9.70 26.37 -24.42
N TYR A 44 -9.62 25.05 -24.57
CA TYR A 44 -10.64 24.16 -24.02
C TYR A 44 -10.70 24.34 -22.48
N TYR A 45 -9.55 24.37 -21.83
CA TYR A 45 -9.50 24.29 -20.36
C TYR A 45 -9.99 25.60 -19.71
N PHE A 46 -9.69 26.73 -20.34
CA PHE A 46 -10.10 28.02 -19.81
C PHE A 46 -11.57 28.25 -20.11
N LYS A 47 -12.10 27.62 -21.15
CA LYS A 47 -13.55 27.71 -21.41
C LYS A 47 -14.34 26.87 -20.42
N ILE A 48 -13.94 25.62 -20.23
CA ILE A 48 -14.70 24.74 -19.34
C ILE A 48 -14.56 25.12 -17.84
N THR A 49 -13.56 25.92 -17.50
CA THR A 49 -13.38 26.41 -16.14
C THR A 49 -13.92 27.84 -15.99
N ASN A 50 -14.69 28.27 -16.99
CA ASN A 50 -15.36 29.58 -16.96
C ASN A 50 -14.36 30.68 -16.64
N SER A 51 -13.24 30.64 -17.35
CA SER A 51 -12.15 31.57 -17.17
C SER A 51 -11.71 32.08 -18.55
N GLU A 52 -12.61 31.89 -19.53
CA GLU A 52 -12.37 32.18 -20.95
C GLU A 52 -11.79 33.55 -21.13
N HIS A 53 -12.11 34.45 -20.19
CA HIS A 53 -11.76 35.86 -20.33
C HIS A 53 -10.55 36.27 -19.48
N MET A 54 -9.82 35.30 -18.93
CA MET A 54 -8.57 35.60 -18.22
C MET A 54 -7.42 35.50 -19.22
N THR A 55 -7.28 36.57 -20.01
CA THR A 55 -6.41 36.58 -21.17
C THR A 55 -4.97 36.28 -20.85
N GLU A 56 -4.41 37.04 -19.92
CA GLU A 56 -2.99 36.90 -19.62
C GLU A 56 -2.70 35.53 -19.06
N LEU A 57 -3.57 35.02 -18.19
CA LEU A 57 -3.29 33.74 -17.54
C LEU A 57 -3.43 32.62 -18.59
N LYS A 58 -4.34 32.80 -19.53
CA LYS A 58 -4.49 31.82 -20.61
C LYS A 58 -3.19 31.66 -21.38
N GLU A 59 -2.56 32.78 -21.71
CA GLU A 59 -1.30 32.72 -22.46
C GLU A 59 -0.15 32.14 -21.64
N LYS A 60 -0.15 32.39 -20.33
CA LYS A 60 0.81 31.72 -19.45
C LYS A 60 0.67 30.19 -19.60
N PHE A 61 -0.57 29.70 -19.53
CA PHE A 61 -0.84 28.27 -19.63
C PHE A 61 -0.53 27.75 -21.04
N ARG A 62 -0.81 28.55 -22.06
CA ARG A 62 -0.44 28.16 -23.42
C ARG A 62 1.06 27.92 -23.52
N ARG A 63 1.86 28.84 -22.98
CA ARG A 63 3.31 28.68 -22.96
C ARG A 63 3.74 27.40 -22.22
N MET A 64 3.13 27.13 -21.07
CA MET A 64 3.42 25.89 -20.35
C MET A 64 3.09 24.67 -21.21
N CYS A 65 1.94 24.67 -21.87
CA CYS A 65 1.55 23.57 -22.71
C CYS A 65 2.48 23.38 -23.94
N ASP A 66 2.92 24.48 -24.54
CA ASP A 66 3.77 24.37 -25.71
C ASP A 66 5.16 23.86 -25.37
N LYS A 67 5.61 24.03 -24.14
CA LYS A 67 6.89 23.47 -23.74
C LYS A 67 6.77 22.12 -23.02
N SER A 68 5.58 21.55 -23.00
CA SER A 68 5.34 20.35 -22.20
C SER A 68 5.90 19.06 -22.82
N ALA A 69 6.23 19.12 -24.11
CA ALA A 69 6.64 17.96 -24.91
C ALA A 69 5.55 16.87 -24.93
N ILE A 70 4.31 17.29 -24.78
CA ILE A 70 3.16 16.39 -24.82
C ILE A 70 2.27 16.79 -26.00
N LYS A 71 1.88 15.84 -26.84
CA LYS A 71 1.00 16.11 -27.99
C LYS A 71 -0.48 15.87 -27.67
N LYS A 72 -0.75 14.82 -26.91
CA LYS A 72 -2.11 14.58 -26.46
C LYS A 72 -2.11 13.80 -25.16
N ARG A 73 -3.27 13.82 -24.52
CA ARG A 73 -3.54 13.10 -23.31
C ARG A 73 -4.90 12.48 -23.42
N TYR A 74 -5.12 11.43 -22.64
CA TYR A 74 -6.46 10.86 -22.51
C TYR A 74 -6.98 11.22 -21.14
N MET A 75 -8.26 11.57 -21.12
CA MET A 75 -8.95 11.98 -19.91
C MET A 75 -10.37 11.44 -19.82
N TYR A 76 -10.65 10.83 -18.67
CA TYR A 76 -11.98 10.40 -18.27
C TYR A 76 -12.90 11.61 -18.14
N LEU A 77 -12.38 12.70 -17.60
CA LEU A 77 -13.14 13.94 -17.48
C LEU A 77 -13.46 14.52 -18.83
N THR A 78 -14.73 14.44 -19.19
CA THR A 78 -15.18 15.03 -20.42
C THR A 78 -15.85 16.31 -20.08
N GLU A 79 -16.10 17.11 -21.12
CA GLU A 79 -16.90 18.32 -21.03
C GLU A 79 -18.27 18.04 -20.38
N GLU A 80 -18.90 16.94 -20.77
CA GLU A 80 -20.20 16.58 -20.21
C GLU A 80 -20.10 16.31 -18.71
N ILE A 81 -19.07 15.57 -18.30
CA ILE A 81 -18.92 15.24 -16.90
C ILE A 81 -18.64 16.51 -16.10
N LEU A 82 -17.82 17.39 -16.65
CA LEU A 82 -17.51 18.64 -15.95
C LEU A 82 -18.76 19.53 -15.87
N LYS A 83 -19.60 19.50 -16.90
CA LYS A 83 -20.89 20.19 -16.85
C LYS A 83 -21.71 19.70 -15.66
N GLU A 84 -21.66 18.41 -15.40
CA GLU A 84 -22.39 17.80 -14.30
C GLU A 84 -21.71 18.04 -12.93
N ASN A 85 -20.47 18.53 -12.93
CA ASN A 85 -19.69 18.64 -11.71
C ASN A 85 -18.97 19.96 -11.57
N PRO A 86 -19.74 21.07 -11.58
CA PRO A 86 -19.21 22.44 -11.60
C PRO A 86 -18.21 22.75 -10.46
N LYS A 87 -18.36 22.10 -9.31
CA LYS A 87 -17.45 22.33 -8.19
C LYS A 87 -16.02 21.87 -8.51
N VAL A 88 -15.87 20.99 -9.48
CA VAL A 88 -14.54 20.48 -9.87
C VAL A 88 -13.86 21.44 -10.86
N CYS A 89 -14.64 22.32 -11.46
CA CYS A 89 -14.16 23.28 -12.44
C CYS A 89 -13.73 24.55 -11.78
N GLU A 90 -14.08 24.69 -10.50
CA GLU A 90 -13.66 25.85 -9.74
C GLU A 90 -12.23 25.61 -9.31
N TYR A 91 -11.52 26.66 -8.94
CA TYR A 91 -10.17 26.50 -8.41
C TYR A 91 -10.17 25.67 -7.10
N MET A 92 -10.79 26.18 -6.05
CA MET A 92 -10.71 25.54 -4.73
C MET A 92 -12.05 25.43 -4.03
N ALA A 93 -12.98 24.69 -4.62
CA ALA A 93 -14.26 24.45 -4.01
C ALA A 93 -14.26 23.06 -3.34
N PRO A 94 -15.05 22.89 -2.26
CA PRO A 94 -15.21 21.54 -1.71
C PRO A 94 -15.72 20.60 -2.79
N SER A 95 -14.96 19.56 -3.08
CA SER A 95 -15.24 18.72 -4.25
C SER A 95 -14.71 17.29 -4.16
N LEU A 96 -14.12 16.93 -3.02
CA LEU A 96 -13.58 15.59 -2.85
C LEU A 96 -14.62 14.48 -3.03
N ASP A 97 -15.81 14.63 -2.44
CA ASP A 97 -16.85 13.60 -2.55
C ASP A 97 -17.14 13.36 -4.03
N ALA A 98 -17.34 14.45 -4.78
CA ALA A 98 -17.61 14.36 -6.21
C ALA A 98 -16.52 13.59 -6.94
N ARG A 99 -15.26 13.88 -6.58
CA ARG A 99 -14.11 13.27 -7.25
C ARG A 99 -14.01 11.79 -6.88
N GLN A 100 -14.16 11.47 -5.60
CA GLN A 100 -14.23 10.08 -5.15
C GLN A 100 -15.31 9.26 -5.85
N ASP A 101 -16.49 9.87 -6.03
CA ASP A 101 -17.60 9.19 -6.70
C ASP A 101 -17.17 8.79 -8.12
N MET A 102 -16.35 9.62 -8.78
CA MET A 102 -15.83 9.24 -10.10
C MET A 102 -14.76 8.13 -10.03
N VAL A 103 -13.69 8.38 -9.30
CA VAL A 103 -12.47 7.58 -9.44
C VAL A 103 -12.54 6.25 -8.74
N VAL A 104 -13.41 6.11 -7.74
CA VAL A 104 -13.52 4.85 -7.05
C VAL A 104 -14.08 3.81 -7.98
N VAL A 105 -14.82 4.26 -8.99
CA VAL A 105 -15.35 3.39 -10.03
C VAL A 105 -14.40 3.28 -11.23
N GLU A 106 -13.93 4.43 -11.70
CA GLU A 106 -13.21 4.48 -12.98
C GLU A 106 -11.81 3.90 -12.85
N VAL A 107 -11.19 4.04 -11.68
CA VAL A 107 -9.86 3.52 -11.50
C VAL A 107 -9.77 2.00 -11.67
N PRO A 108 -10.59 1.23 -10.92
CA PRO A 108 -10.55 -0.22 -11.17
C PRO A 108 -11.12 -0.60 -12.55
N ARG A 109 -12.07 0.17 -13.05
CA ARG A 109 -12.60 -0.10 -14.42
C ARG A 109 -11.50 0.01 -15.49
N LEU A 110 -10.71 1.07 -15.45
CA LEU A 110 -9.66 1.24 -16.45
C LEU A 110 -8.57 0.21 -16.23
N GLY A 111 -8.27 -0.05 -14.96
CA GLY A 111 -7.30 -1.07 -14.59
C GLY A 111 -7.69 -2.44 -15.13
N LYS A 112 -8.99 -2.76 -15.10
CA LYS A 112 -9.42 -4.07 -15.54
C LYS A 112 -9.23 -4.20 -17.04
N GLU A 113 -9.38 -3.08 -17.75
CA GLU A 113 -9.23 -3.06 -19.20
C GLU A 113 -7.78 -3.36 -19.59
N ALA A 114 -6.85 -2.80 -18.84
CA ALA A 114 -5.44 -3.07 -19.08
C ALA A 114 -5.14 -4.51 -18.73
N ALA A 115 -5.61 -4.95 -17.56
CA ALA A 115 -5.38 -6.32 -17.13
C ALA A 115 -5.92 -7.35 -18.11
N ALA A 116 -7.14 -7.16 -18.62
CA ALA A 116 -7.65 -8.09 -19.61
C ALA A 116 -6.68 -8.23 -20.81
N LYS A 117 -6.12 -7.12 -21.30
CA LYS A 117 -5.18 -7.21 -22.43
C LYS A 117 -3.89 -7.93 -22.04
N ALA A 118 -3.35 -7.64 -20.85
CA ALA A 118 -2.16 -8.34 -20.36
C ALA A 118 -2.45 -9.83 -20.24
N ILE A 119 -3.63 -10.16 -19.73
CA ILE A 119 -3.98 -11.56 -19.50
C ILE A 119 -4.10 -12.29 -20.83
N LYS A 120 -4.72 -11.61 -21.80
CA LYS A 120 -4.80 -12.15 -23.16
C LYS A 120 -3.46 -12.45 -23.74
N GLU A 121 -2.51 -11.51 -23.66
CA GLU A 121 -1.18 -11.77 -24.14
C GLU A 121 -0.52 -12.96 -23.43
N TRP A 122 -0.55 -12.89 -22.10
CA TRP A 122 0.02 -13.96 -21.29
C TRP A 122 -0.52 -15.34 -21.73
N GLY A 123 -1.83 -15.40 -21.92
CA GLY A 123 -2.48 -16.57 -22.47
C GLY A 123 -2.84 -17.66 -21.47
N GLN A 124 -2.56 -17.43 -20.19
CA GLN A 124 -2.88 -18.40 -19.15
C GLN A 124 -4.26 -18.11 -18.58
N PRO A 125 -4.91 -19.10 -18.01
CA PRO A 125 -6.20 -18.82 -17.38
C PRO A 125 -6.05 -17.93 -16.12
N LYS A 126 -7.03 -17.06 -15.91
CA LYS A 126 -6.98 -16.08 -14.85
C LYS A 126 -7.00 -16.74 -13.47
N SER A 127 -7.35 -18.01 -13.40
CA SER A 127 -7.29 -18.77 -12.14
C SER A 127 -5.84 -19.04 -11.72
N LYS A 128 -4.89 -18.85 -12.63
CA LYS A 128 -3.46 -19.05 -12.32
C LYS A 128 -2.83 -17.81 -11.68
N ILE A 129 -3.56 -16.71 -11.67
CA ILE A 129 -3.11 -15.52 -10.96
C ILE A 129 -3.23 -15.80 -9.47
N THR A 130 -2.14 -15.58 -8.74
CA THR A 130 -2.08 -15.87 -7.31
C THR A 130 -1.97 -14.60 -6.48
N HIS A 131 -1.45 -13.56 -7.09
CA HIS A 131 -1.27 -12.31 -6.41
C HIS A 131 -1.74 -11.15 -7.27
N VAL A 132 -2.12 -10.08 -6.59
CA VAL A 132 -2.59 -8.84 -7.23
C VAL A 132 -1.98 -7.68 -6.52
N ILE A 133 -1.31 -6.81 -7.28
CA ILE A 133 -0.83 -5.52 -6.77
C ILE A 133 -1.60 -4.47 -7.52
N PHE A 134 -2.34 -3.64 -6.79
CA PHE A 134 -3.02 -2.52 -7.44
C PHE A 134 -2.43 -1.22 -6.94
N CYS A 135 -2.03 -0.39 -7.87
CA CYS A 135 -1.42 0.88 -7.56
C CYS A 135 -2.21 2.04 -8.16
N THR A 136 -2.56 3.01 -7.32
CA THR A 136 -3.17 4.26 -7.79
C THR A 136 -2.90 5.43 -6.85
N THR A 137 -2.88 6.64 -7.39
CA THR A 137 -2.81 7.85 -6.57
C THR A 137 -4.13 8.64 -6.66
N SER A 138 -5.14 8.13 -7.35
CA SER A 138 -6.41 8.88 -7.43
C SER A 138 -7.54 8.21 -6.64
N GLY A 139 -7.88 8.83 -5.54
CA GLY A 139 -8.93 8.34 -4.67
C GLY A 139 -8.48 7.20 -3.78
N VAL A 140 -9.28 6.95 -2.75
CA VAL A 140 -9.07 5.79 -1.90
C VAL A 140 -10.45 5.28 -1.47
N ASP A 141 -10.54 4.00 -1.17
CA ASP A 141 -11.82 3.40 -0.77
C ASP A 141 -11.54 2.10 -0.03
N MET A 142 -12.46 1.68 0.82
CA MET A 142 -12.41 0.36 1.47
C MET A 142 -13.71 -0.42 1.19
N PRO A 143 -13.60 -1.65 0.67
CA PRO A 143 -12.40 -2.32 0.16
C PRO A 143 -11.80 -1.53 -0.99
N GLY A 144 -10.54 -1.79 -1.31
CA GLY A 144 -9.83 -1.01 -2.27
C GLY A 144 -10.05 -1.44 -3.71
N ALA A 145 -9.41 -0.70 -4.58
CA ALA A 145 -9.43 -1.00 -6.01
C ALA A 145 -8.92 -2.42 -6.31
N ASP A 146 -8.02 -2.94 -5.48
CA ASP A 146 -7.57 -4.33 -5.63
C ASP A 146 -8.76 -5.30 -5.55
N TYR A 147 -9.66 -5.04 -4.60
CA TYR A 147 -10.89 -5.83 -4.42
C TYR A 147 -11.82 -5.67 -5.63
N GLN A 148 -12.07 -4.44 -6.06
CA GLN A 148 -12.97 -4.24 -7.22
C GLN A 148 -12.43 -4.97 -8.49
N LEU A 149 -11.13 -4.82 -8.76
CA LEU A 149 -10.48 -5.53 -9.88
C LEU A 149 -10.67 -7.03 -9.79
N THR A 150 -10.51 -7.58 -8.61
CA THR A 150 -10.61 -9.02 -8.40
C THR A 150 -12.01 -9.48 -8.81
N LYS A 151 -12.98 -8.67 -8.42
CA LYS A 151 -14.41 -8.91 -8.68
C LYS A 151 -14.69 -8.77 -10.15
N LEU A 152 -14.20 -7.67 -10.73
CA LEU A 152 -14.48 -7.35 -12.14
C LEU A 152 -13.90 -8.39 -13.05
N LEU A 153 -12.71 -8.87 -12.70
CA LEU A 153 -12.00 -9.85 -13.53
C LEU A 153 -12.51 -11.27 -13.27
N GLY A 154 -13.15 -11.46 -12.12
CA GLY A 154 -13.55 -12.79 -11.69
C GLY A 154 -12.33 -13.63 -11.33
N LEU A 155 -11.39 -13.05 -10.61
CA LEU A 155 -10.25 -13.82 -10.11
C LEU A 155 -10.72 -14.65 -8.91
N ARG A 156 -9.90 -15.60 -8.51
CA ARG A 156 -10.14 -16.43 -7.35
C ARG A 156 -10.23 -15.55 -6.10
N PRO A 157 -11.21 -15.82 -5.21
CA PRO A 157 -11.42 -15.10 -3.95
C PRO A 157 -10.14 -15.02 -3.13
N SER A 158 -9.28 -16.01 -3.31
CA SER A 158 -8.08 -16.23 -2.50
C SER A 158 -6.80 -15.64 -3.10
N VAL A 159 -6.93 -14.77 -4.10
CA VAL A 159 -5.76 -14.03 -4.57
C VAL A 159 -5.20 -13.25 -3.39
N LYS A 160 -3.87 -13.21 -3.30
CA LYS A 160 -3.19 -12.40 -2.29
C LYS A 160 -2.97 -11.01 -2.82
N ARG A 161 -3.62 -10.04 -2.18
CA ARG A 161 -3.70 -8.68 -2.71
C ARG A 161 -2.80 -7.72 -1.95
N VAL A 162 -2.24 -6.78 -2.69
CA VAL A 162 -1.48 -5.70 -2.11
C VAL A 162 -2.02 -4.45 -2.74
N MET A 163 -2.62 -3.64 -1.90
CA MET A 163 -3.26 -2.42 -2.33
C MET A 163 -2.37 -1.21 -2.05
N MET A 164 -1.92 -0.53 -3.09
CA MET A 164 -0.98 0.59 -2.94
C MET A 164 -1.60 1.96 -3.28
N TYR A 165 -2.02 2.68 -2.27
CA TYR A 165 -2.72 3.95 -2.46
C TYR A 165 -1.79 5.14 -2.26
N GLN A 166 -2.02 6.19 -3.06
CA GLN A 166 -1.54 7.53 -2.79
C GLN A 166 0.00 7.65 -2.72
N GLN A 167 0.72 6.88 -3.53
CA GLN A 167 2.18 6.95 -3.54
C GLN A 167 2.74 7.91 -4.59
N GLY A 168 1.97 8.19 -5.63
CA GLY A 168 2.40 9.16 -6.61
C GLY A 168 3.35 8.58 -7.63
N PHE A 170 6.56 7.76 -8.36
CA PHE A 170 7.65 6.77 -8.32
C PHE A 170 7.09 5.33 -8.25
N ALA A 171 5.77 5.18 -8.09
CA ALA A 171 5.18 3.89 -7.70
C ALA A 171 5.19 2.84 -8.84
N GLY A 172 5.40 3.30 -10.06
CA GLY A 172 5.54 2.39 -11.17
C GLY A 172 6.77 1.52 -10.93
N GLY A 173 7.80 2.10 -10.32
CA GLY A 173 8.97 1.34 -9.94
C GLY A 173 8.68 0.47 -8.73
N THR A 174 7.95 1.04 -7.76
CA THR A 174 7.61 0.31 -6.53
C THR A 174 6.85 -1.02 -6.73
N VAL A 175 5.89 -1.04 -7.65
CA VAL A 175 5.12 -2.24 -7.90
C VAL A 175 6.01 -3.34 -8.48
N LEU A 176 7.03 -2.96 -9.27
CA LEU A 176 8.01 -3.97 -9.70
C LEU A 176 8.83 -4.47 -8.53
N ARG A 177 9.22 -3.58 -7.63
CA ARG A 177 10.05 -3.97 -6.48
C ARG A 177 9.27 -4.94 -5.57
N VAL A 178 7.98 -4.69 -5.41
CA VAL A 178 7.14 -5.59 -4.63
C VAL A 178 6.89 -6.89 -5.38
N ALA A 179 6.57 -6.79 -6.67
CA ALA A 179 6.28 -7.96 -7.48
C ALA A 179 7.46 -8.91 -7.51
N LYS A 180 8.68 -8.38 -7.45
CA LYS A 180 9.90 -9.20 -7.53
C LYS A 180 9.92 -10.16 -6.37
N ASP A 181 9.70 -9.62 -5.18
CA ASP A 181 9.73 -10.42 -3.96
C ASP A 181 8.58 -11.43 -3.91
N LEU A 182 7.39 -10.99 -4.28
CA LEU A 182 6.27 -11.91 -4.28
C LEU A 182 6.49 -13.08 -5.24
N ALA A 183 6.89 -12.79 -6.47
CA ALA A 183 7.07 -13.83 -7.48
C ALA A 183 8.27 -14.75 -7.19
N GLU A 184 9.40 -14.17 -6.76
CA GLU A 184 10.61 -14.97 -6.48
C GLU A 184 10.50 -15.80 -5.20
N ASN A 185 9.72 -15.35 -4.24
CA ASN A 185 9.62 -16.11 -2.99
C ASN A 185 8.48 -17.14 -2.89
N ASN A 186 7.72 -17.30 -3.96
CA ASN A 186 6.55 -18.19 -3.96
C ASN A 186 6.46 -18.98 -5.26
N ARG A 187 6.78 -20.27 -5.18
CA ARG A 187 6.79 -21.11 -6.37
C ARG A 187 5.45 -21.08 -7.06
N GLY A 188 5.47 -20.87 -8.37
CA GLY A 188 4.27 -20.88 -9.19
C GLY A 188 3.52 -19.57 -9.18
N ALA A 189 3.99 -18.61 -8.36
CA ALA A 189 3.29 -17.35 -8.18
C ALA A 189 3.29 -16.57 -9.48
N ARG A 190 2.11 -16.07 -9.82
CA ARG A 190 1.90 -15.22 -10.97
C ARG A 190 1.20 -13.95 -10.49
N VAL A 191 1.93 -12.85 -10.56
CA VAL A 191 1.46 -11.59 -9.98
C VAL A 191 0.87 -10.70 -11.06
N LEU A 192 -0.41 -10.36 -10.92
CA LEU A 192 -1.03 -9.33 -11.74
C LEU A 192 -0.78 -7.96 -11.11
N VAL A 193 -0.10 -7.10 -11.85
CA VAL A 193 0.25 -5.76 -11.36
C VAL A 193 -0.55 -4.77 -12.18
N VAL A 194 -1.31 -3.93 -11.50
CA VAL A 194 -2.08 -2.88 -12.18
C VAL A 194 -1.78 -1.51 -11.61
N CYS A 195 -1.40 -0.59 -12.49
CA CYS A 195 -1.25 0.83 -12.16
C CYS A 195 -2.32 1.58 -12.96
N SER A 196 -3.24 2.22 -12.27
CA SER A 196 -4.34 2.97 -12.88
C SER A 196 -4.45 4.36 -12.28
N GLU A 197 -4.31 5.37 -13.14
CA GLU A 197 -4.26 6.76 -12.72
C GLU A 197 -5.32 7.60 -13.48
N ILE A 198 -6.12 8.33 -12.71
CA ILE A 198 -7.20 9.17 -13.24
C ILE A 198 -7.05 10.56 -12.64
N THR A 199 -6.98 11.59 -13.49
CA THR A 199 -6.69 12.94 -13.01
C THR A 199 -7.93 13.72 -12.56
N ALA A 200 -9.09 13.08 -12.54
CA ALA A 200 -10.30 13.69 -11.94
C ALA A 200 -10.06 14.16 -10.51
N VAL A 201 -9.12 13.53 -9.79
CA VAL A 201 -8.87 13.89 -8.41
C VAL A 201 -8.02 15.18 -8.29
N THR A 202 -7.31 15.56 -9.34
CA THR A 202 -6.46 16.77 -9.31
C THR A 202 -6.98 17.90 -10.21
N PHE A 203 -7.85 17.58 -11.17
CA PHE A 203 -8.34 18.61 -12.07
C PHE A 203 -9.02 19.74 -11.29
N ARG A 204 -8.71 20.98 -11.67
CA ARG A 204 -9.35 22.17 -11.07
C ARG A 204 -9.10 23.41 -11.89
N GLY A 205 -9.88 24.45 -11.62
CA GLY A 205 -9.78 25.69 -12.35
C GLY A 205 -8.47 26.42 -12.09
N PRO A 206 -8.12 27.35 -12.97
CA PRO A 206 -6.89 28.14 -12.90
C PRO A 206 -6.97 29.27 -11.87
N SER A 207 -5.81 29.59 -11.28
CA SER A 207 -5.65 30.73 -10.38
C SER A 207 -4.41 31.54 -10.77
N ASP A 208 -4.60 32.83 -11.07
CA ASP A 208 -3.50 33.70 -11.46
C ASP A 208 -2.64 34.10 -10.23
N THR A 209 -3.05 33.65 -9.04
CA THR A 209 -2.20 33.82 -7.85
C THR A 209 -1.61 32.49 -7.34
N HIS A 210 -1.81 31.41 -8.08
CA HIS A 210 -1.22 30.11 -7.72
C HIS A 210 -0.87 29.32 -8.99
N LEU A 211 0.24 29.68 -9.62
CA LEU A 211 0.54 29.21 -10.97
C LEU A 211 1.08 27.78 -11.03
N ASP A 212 1.60 27.27 -9.92
CA ASP A 212 2.18 25.92 -9.92
C ASP A 212 1.09 24.85 -9.97
N SER A 213 -0.13 25.21 -9.57
CA SER A 213 -1.25 24.29 -9.73
C SER A 213 -1.56 24.03 -11.22
N MET A 214 -1.28 25.02 -12.08
CA MET A 214 -1.42 24.84 -13.53
C MET A 214 -0.44 23.84 -14.17
N VAL A 215 0.71 23.63 -13.55
CA VAL A 215 1.70 22.68 -14.10
C VAL A 215 1.09 21.30 -14.23
N GLY A 216 0.41 20.83 -13.19
CA GLY A 216 -0.29 19.57 -13.26
C GLY A 216 -1.37 19.52 -14.34
N GLN A 217 -2.03 20.66 -14.54
CA GLN A 217 -3.10 20.75 -15.52
C GLN A 217 -2.55 20.62 -16.94
N ALA A 218 -1.26 20.96 -17.11
CA ALA A 218 -0.57 20.81 -18.40
C ALA A 218 0.05 19.44 -18.59
N LEU A 219 0.41 18.76 -17.49
CA LEU A 219 1.22 17.52 -17.62
C LEU A 219 0.45 16.21 -17.42
N PHE A 220 -0.45 16.15 -16.45
CA PHE A 220 -1.10 14.90 -16.06
C PHE A 220 -2.15 14.40 -17.05
N GLY A 221 -2.01 13.12 -17.45
CA GLY A 221 -2.99 12.42 -18.27
C GLY A 221 -3.48 11.14 -17.61
N ASP A 222 -4.46 10.49 -18.23
CA ASP A 222 -5.05 9.29 -17.65
C ASP A 222 -4.50 8.04 -18.36
N GLY A 223 -4.41 6.95 -17.62
CA GLY A 223 -4.00 5.69 -18.23
C GLY A 223 -3.86 4.59 -17.20
N ALA A 224 -3.91 3.35 -17.67
CA ALA A 224 -3.65 2.21 -16.82
C ALA A 224 -2.73 1.26 -17.55
N ALA A 225 -1.81 0.64 -16.82
CA ALA A 225 -0.97 -0.40 -17.36
C ALA A 225 -1.08 -1.60 -16.44
N ALA A 226 -1.07 -2.78 -17.05
CA ALA A 226 -1.02 -4.01 -16.30
C ALA A 226 0.10 -4.95 -16.78
N LEU A 227 0.68 -5.66 -15.82
CA LEU A 227 1.76 -6.61 -16.06
C LEU A 227 1.37 -7.93 -15.47
N ILE A 228 1.86 -9.01 -16.07
CA ILE A 228 1.97 -10.28 -15.36
C ILE A 228 3.45 -10.52 -15.01
N VAL A 229 3.72 -10.81 -13.76
CA VAL A 229 5.06 -11.06 -13.27
C VAL A 229 5.15 -12.45 -12.64
N GLY A 230 6.16 -13.22 -13.02
CA GLY A 230 6.37 -14.52 -12.42
C GLY A 230 7.76 -15.05 -12.68
N ALA A 231 8.24 -15.88 -11.76
CA ALA A 231 9.52 -16.57 -11.95
C ALA A 231 9.28 -17.94 -12.54
N ASP A 232 10.33 -18.55 -13.09
CA ASP A 232 10.27 -19.92 -13.58
C ASP A 232 9.20 -20.04 -14.67
N PRO A 233 9.32 -19.24 -15.75
CA PRO A 233 8.36 -19.32 -16.85
C PRO A 233 8.30 -20.72 -17.45
N VAL A 234 7.11 -21.18 -17.85
CA VAL A 234 6.97 -22.51 -18.42
C VAL A 234 7.54 -22.48 -19.85
N PRO A 235 8.46 -23.43 -20.15
CA PRO A 235 9.07 -23.38 -21.48
C PRO A 235 8.03 -23.63 -22.56
N GLU A 236 8.15 -22.83 -23.63
CA GLU A 236 7.40 -22.94 -24.88
C GLU A 236 5.98 -22.41 -24.74
N VAL A 237 5.62 -21.98 -23.54
CA VAL A 237 4.25 -21.58 -23.25
C VAL A 237 4.22 -20.09 -22.89
N GLU A 238 5.00 -19.75 -21.87
CA GLU A 238 5.04 -18.39 -21.37
C GLU A 238 6.23 -17.72 -22.04
N LYS A 239 6.20 -16.39 -22.11
CA LYS A 239 7.17 -15.66 -22.92
C LYS A 239 7.67 -14.41 -22.19
N PRO A 240 8.80 -14.53 -21.50
CA PRO A 240 9.28 -13.32 -20.81
C PRO A 240 9.67 -12.22 -21.80
N CYS A 241 9.56 -10.95 -21.41
CA CYS A 241 10.15 -9.86 -22.20
C CYS A 241 11.20 -9.07 -21.40
N PHE A 242 11.17 -9.16 -20.08
CA PHE A 242 12.21 -8.57 -19.24
C PHE A 242 12.36 -9.41 -17.99
N GLU A 243 13.56 -9.40 -17.41
CA GLU A 243 13.79 -10.03 -16.11
C GLU A 243 14.17 -8.98 -15.09
N LEU A 244 13.66 -9.11 -13.86
CA LEU A 244 14.03 -8.20 -12.79
C LEU A 244 15.29 -8.74 -12.09
N MET A 245 16.30 -7.89 -12.07
CA MET A 245 17.60 -8.30 -11.55
C MET A 245 17.88 -7.77 -10.13
N TRP A 246 17.44 -6.53 -9.85
CA TRP A 246 17.83 -5.83 -8.63
C TRP A 246 17.01 -4.54 -8.48
N THR A 247 16.69 -4.17 -7.24
CA THR A 247 15.93 -2.94 -7.00
C THR A 247 16.46 -2.14 -5.83
N ALA A 248 16.15 -0.85 -5.82
CA ALA A 248 16.49 0.05 -4.72
C ALA A 248 15.43 1.15 -4.63
N GLN A 249 15.40 1.81 -3.47
CA GLN A 249 14.55 2.98 -3.27
C GLN A 249 15.36 3.92 -2.39
N THR A 250 15.34 5.21 -2.68
CA THR A 250 16.04 6.14 -1.86
C THR A 250 15.38 7.50 -1.86
N ILE A 251 15.70 8.26 -0.83
CA ILE A 251 15.26 9.62 -0.67
C ILE A 251 16.48 10.52 -0.95
N LEU A 252 16.32 11.47 -1.87
CA LEU A 252 17.43 12.33 -2.26
C LEU A 252 17.82 13.30 -1.14
N PRO A 253 19.13 13.56 -0.99
CA PRO A 253 19.52 14.55 0.01
C PRO A 253 18.97 15.95 -0.27
N ASP A 254 18.80 16.71 0.80
CA ASP A 254 18.30 18.07 0.73
C ASP A 254 17.06 18.23 -0.15
N SER A 255 16.17 17.24 -0.15
CA SER A 255 14.99 17.25 -1.02
C SER A 255 13.68 17.46 -0.25
N ASP A 256 13.80 17.73 1.04
CA ASP A 256 12.63 17.93 1.88
C ASP A 256 11.60 18.89 1.30
N GLY A 257 10.38 18.40 1.10
CA GLY A 257 9.30 19.23 0.61
C GLY A 257 9.32 19.49 -0.87
N ALA A 258 10.21 18.84 -1.60
CA ALA A 258 10.31 19.02 -3.05
C ALA A 258 9.01 18.77 -3.79
N ILE A 259 8.30 17.72 -3.42
CA ILE A 259 6.99 17.43 -4.01
C ILE A 259 6.06 16.88 -2.93
N ASP A 260 5.17 17.72 -2.42
CA ASP A 260 4.15 17.32 -1.44
C ASP A 260 2.82 17.16 -2.16
N GLY A 261 1.98 16.21 -1.71
CA GLY A 261 0.63 16.08 -2.22
C GLY A 261 -0.35 15.89 -1.07
N HIS A 262 -1.38 16.71 -0.99
CA HIS A 262 -2.37 16.59 0.09
C HIS A 262 -3.75 16.26 -0.46
N LEU A 263 -4.33 15.20 0.08
CA LEU A 263 -5.73 14.90 -0.19
C LEU A 263 -6.61 15.67 0.82
N ARG A 264 -7.35 16.65 0.32
CA ARG A 264 -8.17 17.52 1.17
C ARG A 264 -9.62 17.57 0.64
N GLU A 265 -10.40 18.45 1.24
CA GLU A 265 -11.79 18.59 0.88
C GLU A 265 -11.92 19.17 -0.54
N VAL A 266 -10.90 19.86 -1.01
CA VAL A 266 -10.89 20.36 -2.40
C VAL A 266 -10.30 19.34 -3.35
N GLY A 267 -10.05 18.13 -2.86
CA GLY A 267 -9.41 17.09 -3.67
C GLY A 267 -7.90 17.02 -3.45
N LEU A 268 -7.16 16.49 -4.42
CA LEU A 268 -5.71 16.33 -4.29
C LEU A 268 -4.94 17.54 -4.84
N THR A 269 -4.07 18.12 -4.01
CA THR A 269 -3.26 19.25 -4.47
C THR A 269 -1.79 18.93 -4.34
N PHE A 270 -1.01 19.34 -5.34
CA PHE A 270 0.42 19.10 -5.36
C PHE A 270 1.17 20.43 -5.15
N HIS A 271 2.32 20.37 -4.49
CA HIS A 271 3.15 21.55 -4.25
C HIS A 271 4.61 21.19 -4.41
N LEU A 272 5.31 22.02 -5.18
CA LEU A 272 6.73 21.79 -5.44
C LEU A 272 7.53 22.96 -4.90
N LEU A 273 8.41 22.66 -3.94
CA LEU A 273 9.14 23.71 -3.24
C LEU A 273 10.60 23.74 -3.62
N LYS A 274 11.05 22.74 -4.39
CA LYS A 274 12.45 22.69 -4.79
C LYS A 274 12.59 22.39 -6.29
N ASP A 275 13.83 22.45 -6.80
CA ASP A 275 14.09 22.22 -8.22
C ASP A 275 14.19 20.72 -8.49
N VAL A 276 13.06 20.12 -8.86
CA VAL A 276 12.98 18.67 -8.99
C VAL A 276 13.89 18.14 -10.10
N PRO A 277 13.88 18.76 -11.29
CA PRO A 277 14.86 18.29 -12.29
C PRO A 277 16.33 18.35 -11.85
N GLY A 278 16.70 19.43 -11.17
CA GLY A 278 18.03 19.66 -10.66
C GLY A 278 18.40 18.66 -9.58
N LEU A 279 17.47 18.44 -8.65
CA LEU A 279 17.66 17.41 -7.61
C LEU A 279 17.90 16.00 -8.17
N ILE A 280 17.02 15.60 -9.06
CA ILE A 280 17.14 14.31 -9.72
C ILE A 280 18.44 14.19 -10.51
N SER A 281 18.70 15.13 -11.40
CA SER A 281 19.89 15.01 -12.23
C SER A 281 21.17 15.14 -11.37
N LYS A 282 21.17 15.90 -10.27
CA LYS A 282 22.41 16.01 -9.48
C LYS A 282 22.75 14.67 -8.78
N ASN A 283 21.72 13.87 -8.50
CA ASN A 283 21.90 12.67 -7.67
C ASN A 283 21.79 11.34 -8.38
N ILE A 284 21.29 11.32 -9.62
CA ILE A 284 20.92 10.05 -10.21
C ILE A 284 22.13 9.17 -10.46
N GLU A 285 23.32 9.75 -10.68
CA GLU A 285 24.47 8.91 -11.03
C GLU A 285 24.93 8.03 -9.86
N LYS A 286 24.80 8.53 -8.63
CA LYS A 286 24.99 7.72 -7.43
C LYS A 286 24.14 6.44 -7.39
N SER A 287 22.84 6.59 -7.66
CA SER A 287 21.95 5.43 -7.81
C SER A 287 22.43 4.49 -8.93
N LEU A 288 22.95 5.02 -10.03
CA LEU A 288 23.43 4.14 -11.09
C LEU A 288 24.64 3.34 -10.65
N VAL A 289 25.55 3.97 -9.93
CA VAL A 289 26.75 3.28 -9.48
C VAL A 289 26.39 2.21 -8.46
N GLU A 290 25.49 2.56 -7.56
CA GLU A 290 25.01 1.64 -6.52
C GLU A 290 24.39 0.40 -7.14
N ALA A 291 23.67 0.60 -8.23
CA ALA A 291 22.97 -0.48 -8.88
C ALA A 291 23.90 -1.29 -9.78
N PHE A 292 24.82 -0.61 -10.48
CA PHE A 292 25.55 -1.26 -11.57
C PHE A 292 27.02 -1.64 -11.37
N GLN A 293 27.66 -1.21 -10.30
CA GLN A 293 29.05 -1.59 -10.09
C GLN A 293 29.15 -3.12 -9.96
N GLN A 294 28.19 -3.74 -9.30
CA GLN A 294 28.22 -5.18 -9.05
C GLN A 294 28.07 -5.96 -10.33
N PHE A 295 27.55 -5.30 -11.37
CA PHE A 295 27.36 -5.95 -12.65
C PHE A 295 28.44 -5.50 -13.65
N GLY A 296 29.48 -4.81 -13.17
CA GLY A 296 30.60 -4.37 -14.01
C GLY A 296 30.20 -3.44 -15.14
N ILE A 297 29.13 -2.67 -14.91
CA ILE A 297 28.66 -1.73 -15.92
C ILE A 297 28.88 -0.33 -15.39
N SER A 298 29.56 0.49 -16.19
CA SER A 298 29.84 1.87 -15.82
C SER A 298 29.49 2.88 -16.92
N ASP A 299 29.26 2.40 -18.14
CA ASP A 299 28.94 3.30 -19.25
C ASP A 299 27.44 3.29 -19.43
N TRP A 300 26.78 4.41 -19.10
CA TRP A 300 25.33 4.43 -19.00
C TRP A 300 24.65 4.42 -20.37
N ASN A 301 25.41 4.63 -21.44
CA ASN A 301 24.85 4.47 -22.78
C ASN A 301 24.80 3.01 -23.23
N GLN A 302 25.37 2.08 -22.43
CA GLN A 302 25.25 0.64 -22.76
C GLN A 302 24.06 0.03 -22.06
N LEU A 303 23.30 0.85 -21.34
CA LEU A 303 22.04 0.43 -20.72
C LEU A 303 20.88 0.82 -21.61
N PHE A 304 19.78 0.06 -21.61
CA PHE A 304 18.54 0.59 -22.19
C PHE A 304 17.87 1.30 -21.02
N TRP A 305 17.17 2.39 -21.30
CA TRP A 305 16.69 3.34 -20.29
C TRP A 305 15.14 3.42 -20.26
N ILE A 306 14.57 3.38 -19.06
CA ILE A 306 13.17 3.77 -18.82
C ILE A 306 13.17 4.79 -17.65
N ALA A 307 12.73 6.04 -17.88
CA ALA A 307 12.72 7.06 -16.84
C ALA A 307 11.34 7.65 -16.72
N HIS A 308 10.81 7.75 -15.50
CA HIS A 308 9.52 8.35 -15.33
C HIS A 308 9.52 9.80 -15.88
N PRO A 309 8.61 10.11 -16.82
CA PRO A 309 8.69 11.42 -17.47
C PRO A 309 7.83 12.46 -16.74
N GLY A 310 8.24 12.85 -15.53
CA GLY A 310 7.47 13.77 -14.70
C GLY A 310 7.26 15.11 -15.39
N GLY A 311 8.22 15.48 -16.24
CA GLY A 311 8.14 16.62 -17.15
C GLY A 311 9.35 16.55 -18.07
N PRO A 312 9.37 17.32 -19.18
CA PRO A 312 10.51 17.23 -20.10
C PRO A 312 11.84 17.70 -19.50
N ALA A 313 11.77 18.68 -18.60
CA ALA A 313 12.95 19.21 -17.94
C ALA A 313 13.74 18.13 -17.17
N ILE A 314 13.05 17.17 -16.56
CA ILE A 314 13.71 16.05 -15.89
C ILE A 314 14.49 15.23 -16.88
N LEU A 315 13.84 14.95 -18.00
CA LEU A 315 14.49 14.15 -19.04
C LEU A 315 15.69 14.86 -19.60
N ASP A 316 15.52 16.15 -19.90
CA ASP A 316 16.57 16.96 -20.52
C ASP A 316 17.77 17.09 -19.60
N GLN A 317 17.53 17.29 -18.32
CA GLN A 317 18.64 17.53 -17.42
C GLN A 317 19.37 16.24 -17.10
N VAL A 318 18.64 15.13 -17.03
CA VAL A 318 19.24 13.83 -16.77
C VAL A 318 20.13 13.47 -17.95
N GLU A 319 19.57 13.62 -19.16
CA GLU A 319 20.33 13.38 -20.39
C GLU A 319 21.61 14.25 -20.47
N ALA A 320 21.50 15.55 -20.27
CA ALA A 320 22.70 16.39 -20.21
C ALA A 320 23.70 15.96 -19.09
N LYS A 321 23.24 15.81 -17.87
CA LYS A 321 24.15 15.51 -16.76
C LYS A 321 24.93 14.20 -16.98
N LEU A 322 24.27 13.19 -17.53
CA LEU A 322 24.90 11.90 -17.74
C LEU A 322 25.52 11.75 -19.12
N ASN A 323 25.37 12.78 -19.93
CA ASN A 323 25.73 12.76 -21.35
C ASN A 323 25.19 11.53 -22.09
N LEU A 324 23.92 11.23 -21.86
CA LEU A 324 23.25 10.17 -22.60
C LEU A 324 23.08 10.53 -24.06
N ASP A 325 23.29 9.56 -24.95
CA ASP A 325 22.99 9.76 -26.37
C ASP A 325 21.49 10.10 -26.49
N PRO A 326 21.15 11.00 -27.43
CA PRO A 326 19.73 11.37 -27.53
C PRO A 326 18.79 10.16 -27.77
N LYS A 327 19.24 9.06 -28.36
CA LYS A 327 18.34 7.92 -28.49
C LYS A 327 17.95 7.21 -27.17
N LYS A 328 18.71 7.41 -26.09
CA LYS A 328 18.48 6.64 -24.85
C LYS A 328 17.05 6.80 -24.32
N LEU A 329 16.61 8.05 -24.28
CA LEU A 329 15.33 8.42 -23.70
C LEU A 329 14.22 8.46 -24.76
N SER A 330 14.49 7.92 -25.94
CA SER A 330 13.55 8.07 -27.05
C SER A 330 12.16 7.44 -26.74
N ALA A 331 12.15 6.22 -26.21
CA ALA A 331 10.89 5.54 -25.89
C ALA A 331 10.13 6.25 -24.79
N THR A 332 10.88 6.74 -23.82
CA THR A 332 10.33 7.54 -22.72
C THR A 332 9.64 8.80 -23.25
N ARG A 333 10.39 9.58 -24.05
CA ARG A 333 9.86 10.80 -24.67
C ARG A 333 8.65 10.53 -25.55
N GLN A 334 8.61 9.36 -26.17
CA GLN A 334 7.49 9.03 -27.07
C GLN A 334 6.19 8.81 -26.29
N VAL A 335 6.27 8.15 -25.15
CA VAL A 335 5.08 7.93 -24.32
C VAL A 335 4.60 9.27 -23.72
N LEU A 336 5.52 10.10 -23.21
CA LEU A 336 5.16 11.45 -22.74
C LEU A 336 4.47 12.26 -23.82
N SER A 337 4.96 12.15 -25.05
CA SER A 337 4.35 12.85 -26.20
C SER A 337 2.92 12.35 -26.52
N ASP A 338 2.71 11.03 -26.45
CA ASP A 338 1.43 10.41 -26.86
C ASP A 338 0.42 10.30 -25.73
N TYR A 339 0.89 10.35 -24.47
CA TYR A 339 0.01 10.12 -23.31
C TYR A 339 0.17 11.12 -22.17
N GLY A 340 1.19 11.97 -22.23
CA GLY A 340 1.55 12.83 -21.13
C GLY A 340 1.97 12.02 -19.90
N ASN A 341 2.00 12.68 -18.75
CA ASN A 341 2.45 12.03 -17.51
C ASN A 341 1.28 11.36 -16.78
N MET A 342 1.26 10.04 -16.91
CA MET A 342 0.26 9.16 -16.32
C MET A 342 0.71 8.57 -15.00
N SER A 343 1.61 9.29 -14.32
CA SER A 343 2.06 8.92 -12.99
C SER A 343 2.59 7.46 -13.01
N SER A 344 2.18 6.64 -12.06
CA SER A 344 2.72 5.28 -11.90
C SER A 344 2.61 4.40 -13.14
N ALA A 345 1.59 4.61 -13.97
CA ALA A 345 1.43 3.78 -15.18
C ALA A 345 2.52 4.00 -16.26
N CYS A 346 3.12 5.19 -16.24
CA CYS A 346 4.01 5.64 -17.31
C CYS A 346 5.18 4.70 -17.69
N VAL A 347 5.96 4.27 -16.70
CA VAL A 347 7.18 3.51 -17.02
C VAL A 347 6.81 2.17 -17.65
N HIS A 348 5.60 1.68 -17.38
CA HIS A 348 5.11 0.43 -17.94
C HIS A 348 4.61 0.61 -19.38
N PHE A 349 4.03 1.77 -19.67
CA PHE A 349 3.73 2.14 -21.06
C PHE A 349 5.05 2.21 -21.83
N ILE A 350 6.10 2.67 -21.17
CA ILE A 350 7.40 2.84 -21.83
C ILE A 350 8.08 1.48 -22.10
N LEU A 351 8.05 0.58 -21.10
CA LEU A 351 8.46 -0.83 -21.27
C LEU A 351 7.75 -1.47 -22.45
N ASP A 352 6.44 -1.20 -22.57
CA ASP A 352 5.66 -1.78 -23.66
C ASP A 352 6.10 -1.20 -25.01
N GLU A 353 6.31 0.12 -25.04
CA GLU A 353 6.74 0.81 -26.26
C GLU A 353 8.12 0.35 -26.68
N MET A 354 8.99 0.14 -25.71
CA MET A 354 10.34 -0.30 -26.01
C MET A 354 10.40 -1.71 -26.59
N ARG A 355 9.69 -2.65 -25.99
CA ARG A 355 9.79 -4.03 -26.46
C ARG A 355 9.14 -4.11 -27.85
N LYS A 356 8.10 -3.32 -28.07
CA LYS A 356 7.45 -3.30 -29.38
C LYS A 356 8.29 -2.57 -30.43
N SER A 357 8.80 -1.38 -30.11
CA SER A 357 9.64 -0.69 -31.08
C SER A 357 10.86 -1.54 -31.45
N SER A 358 11.31 -2.36 -30.50
CA SER A 358 12.51 -3.19 -30.66
C SER A 358 12.26 -4.35 -31.62
N LYS A 359 11.10 -4.99 -31.50
CA LYS A 359 10.71 -6.00 -32.46
C LYS A 359 10.48 -5.37 -33.85
N GLU A 360 9.92 -4.16 -33.91
CA GLU A 360 9.64 -3.52 -35.20
C GLU A 360 10.93 -3.16 -35.93
N LYS A 361 11.87 -2.56 -35.20
CA LYS A 361 13.20 -2.21 -35.71
C LYS A 361 14.15 -3.38 -36.01
N GLY A 362 13.76 -4.62 -35.73
CA GLY A 362 14.65 -5.76 -35.89
C GLY A 362 15.83 -5.82 -34.93
N CYS A 363 15.66 -5.24 -33.74
CA CYS A 363 16.67 -5.29 -32.69
C CYS A 363 16.84 -6.72 -32.17
N SER A 364 18.03 -7.02 -31.63
CA SER A 364 18.32 -8.38 -31.17
C SER A 364 17.70 -8.70 -29.81
N THR A 365 17.30 -7.66 -29.07
CA THR A 365 16.64 -7.83 -27.76
C THR A 365 15.44 -6.92 -27.60
N THR A 366 14.65 -7.19 -26.57
CA THR A 366 13.52 -6.33 -26.23
C THR A 366 13.98 -5.00 -25.64
N GLY A 367 15.27 -4.93 -25.31
CA GLY A 367 15.87 -3.71 -24.77
C GLY A 367 16.73 -2.98 -25.80
N GLU A 368 16.18 -2.81 -27.01
CA GLU A 368 16.83 -1.98 -28.05
C GLU A 368 18.17 -2.58 -28.50
N GLY A 369 18.30 -3.90 -28.36
CA GLY A 369 19.51 -4.58 -28.81
C GLY A 369 20.53 -4.71 -27.68
N LEU A 370 20.20 -4.16 -26.52
CA LEU A 370 21.12 -4.20 -25.37
C LEU A 370 20.64 -5.23 -24.33
N ASP A 371 21.56 -5.67 -23.47
CA ASP A 371 21.31 -6.77 -22.56
C ASP A 371 20.72 -6.35 -21.22
N VAL A 372 21.12 -5.19 -20.74
CA VAL A 372 20.82 -4.77 -19.37
C VAL A 372 20.35 -3.33 -19.46
N GLY A 373 19.44 -2.97 -18.56
CA GLY A 373 18.86 -1.64 -18.60
C GLY A 373 18.42 -1.21 -17.23
N VAL A 374 17.81 -0.05 -17.18
CA VAL A 374 17.44 0.57 -15.93
C VAL A 374 16.08 1.26 -16.06
N LEU A 375 15.27 1.10 -15.03
CA LEU A 375 13.99 1.76 -14.93
C LEU A 375 13.99 2.60 -13.66
N PHE A 376 13.60 3.87 -13.80
CA PHE A 376 13.51 4.80 -12.68
C PHE A 376 12.12 5.36 -12.49
N GLY A 377 11.68 5.43 -11.24
CA GLY A 377 10.50 6.18 -10.88
C GLY A 377 10.94 7.34 -10.01
N PHE A 378 10.26 8.48 -10.14
CA PHE A 378 10.57 9.70 -9.39
C PHE A 378 9.27 10.28 -8.78
N GLY A 379 9.33 10.72 -7.54
CA GLY A 379 8.12 11.19 -6.89
C GLY A 379 8.40 11.72 -5.50
N PRO A 380 7.31 12.00 -4.76
CA PRO A 380 7.38 12.62 -3.41
C PRO A 380 8.45 11.98 -2.50
N GLY A 381 9.29 12.81 -1.90
CA GLY A 381 10.29 12.34 -0.93
C GLY A 381 11.43 13.33 -0.68
N LEU A 382 12.19 13.71 -1.71
CA LEU A 382 12.04 13.23 -3.08
C LEU A 382 12.53 11.78 -3.24
N THR A 383 11.66 10.92 -3.74
CA THR A 383 11.96 9.49 -3.81
C THR A 383 12.30 9.06 -5.22
N VAL A 384 13.35 8.23 -5.33
CA VAL A 384 13.77 7.60 -6.57
C VAL A 384 13.76 6.07 -6.43
N GLU A 385 13.01 5.42 -7.30
CA GLU A 385 12.91 3.99 -7.37
C GLU A 385 13.85 3.56 -8.49
N THR A 386 14.74 2.63 -8.22
CA THR A 386 15.62 2.04 -9.27
C THR A 386 15.27 0.59 -9.48
N VAL A 387 15.05 0.18 -10.72
CA VAL A 387 14.88 -1.22 -11.07
C VAL A 387 15.90 -1.61 -12.14
N VAL A 388 16.71 -2.63 -11.89
CA VAL A 388 17.64 -3.11 -12.92
C VAL A 388 16.97 -4.24 -13.67
N LEU A 389 16.97 -4.13 -15.00
CA LEU A 389 16.31 -5.06 -15.90
C LEU A 389 17.22 -5.82 -16.84
N LYS A 390 16.88 -7.08 -17.08
CA LYS A 390 17.48 -7.81 -18.19
C LYS A 390 16.50 -7.87 -19.34
N SER A 391 17.00 -7.68 -20.57
CA SER A 391 16.15 -7.83 -21.73
C SER A 391 16.11 -9.31 -22.04
N VAL A 392 15.33 -9.67 -23.05
CA VAL A 392 15.27 -11.06 -23.54
C VAL A 392 15.59 -11.06 -25.05
N PRO A 393 16.28 -12.11 -25.56
CA PRO A 393 16.60 -12.13 -27.00
C PRO A 393 15.35 -12.19 -27.85
N LEU A 394 15.34 -11.47 -28.96
CA LEU A 394 14.19 -11.45 -29.87
C LEU A 394 14.33 -12.42 -31.03
N ALA B 3 32.72 -8.03 -15.86
CA ALA B 3 31.35 -8.50 -15.98
C ALA B 3 30.78 -8.82 -14.59
N GLY B 4 31.65 -9.03 -13.59
CA GLY B 4 31.21 -9.15 -12.20
C GLY B 4 30.11 -10.20 -11.94
N MET B 5 29.01 -9.78 -11.35
CA MET B 5 27.92 -10.72 -11.06
C MET B 5 27.21 -11.14 -12.36
N MET B 6 27.44 -10.45 -13.47
CA MET B 6 26.91 -10.89 -14.74
C MET B 6 27.53 -12.24 -15.14
N LYS B 7 28.69 -12.58 -14.55
CA LYS B 7 29.33 -13.85 -14.85
C LYS B 7 28.46 -15.05 -14.47
N ASP B 8 27.45 -14.83 -13.62
CA ASP B 8 26.62 -15.94 -13.17
C ASP B 8 25.41 -15.44 -12.36
N LEU B 9 24.34 -15.10 -13.07
CA LEU B 9 23.16 -14.54 -12.44
C LEU B 9 22.35 -15.59 -11.68
N GLU B 10 22.51 -16.86 -12.00
CA GLU B 10 21.91 -17.93 -11.22
C GLU B 10 22.53 -17.91 -9.80
N ALA B 11 23.86 -17.91 -9.76
CA ALA B 11 24.58 -17.72 -8.49
C ALA B 11 24.10 -16.43 -7.82
N PHE B 12 24.01 -15.34 -8.58
CA PHE B 12 23.50 -14.09 -8.02
C PHE B 12 22.12 -14.25 -7.33
N ARG B 13 21.15 -14.91 -7.96
CA ARG B 13 19.80 -15.00 -7.37
C ARG B 13 19.87 -15.80 -6.04
N LYS B 14 20.74 -16.81 -6.01
CA LYS B 14 20.93 -17.62 -4.80
C LYS B 14 21.62 -16.85 -3.68
N ALA B 15 22.59 -16.01 -4.04
CA ALA B 15 23.27 -15.17 -3.06
C ALA B 15 22.36 -14.03 -2.57
N GLN B 16 21.50 -13.51 -3.43
CA GLN B 16 20.66 -12.36 -3.11
C GLN B 16 19.52 -12.70 -2.15
N ARG B 17 19.08 -13.95 -2.13
CA ARG B 17 17.96 -14.34 -1.29
C ARG B 17 18.42 -14.93 0.03
N ALA B 18 17.52 -14.92 1.02
CA ALA B 18 17.81 -15.46 2.35
C ALA B 18 17.68 -16.99 2.35
N ASP B 19 18.24 -17.68 3.35
CA ASP B 19 18.09 -19.14 3.46
C ASP B 19 16.82 -19.56 4.19
N GLY B 20 16.56 -18.94 5.36
CA GLY B 20 15.57 -19.48 6.26
C GLY B 20 14.23 -18.77 6.22
N PRO B 21 13.34 -19.14 7.17
CA PRO B 21 12.03 -18.49 7.27
C PRO B 21 12.12 -17.10 7.90
N ALA B 22 11.26 -16.18 7.49
CA ALA B 22 11.19 -14.89 8.18
C ALA B 22 10.80 -15.13 9.63
N THR B 23 11.43 -14.39 10.54
CA THR B 23 11.13 -14.51 11.96
C THR B 23 10.87 -13.13 12.56
N ILE B 24 10.08 -13.09 13.63
CA ILE B 24 9.88 -11.87 14.37
C ILE B 24 10.98 -11.81 15.43
N LEU B 25 11.78 -10.73 15.39
CA LEU B 25 12.94 -10.56 16.25
C LEU B 25 12.70 -9.57 17.39
N ALA B 26 11.59 -8.83 17.31
CA ALA B 26 11.23 -7.83 18.29
C ALA B 26 9.80 -7.34 18.03
N ILE B 27 9.12 -6.93 19.11
CA ILE B 27 7.80 -6.28 19.06
C ILE B 27 7.78 -5.13 20.07
N GLY B 28 7.44 -3.93 19.59
CA GLY B 28 7.25 -2.78 20.45
C GLY B 28 5.85 -2.24 20.25
N THR B 29 5.21 -1.72 21.31
CA THR B 29 3.88 -1.11 21.17
C THR B 29 3.83 0.26 21.81
N ALA B 30 2.88 1.09 21.40
CA ALA B 30 2.68 2.44 21.92
C ALA B 30 1.18 2.82 21.86
N THR B 31 0.73 3.64 22.81
CA THR B 31 -0.64 4.13 22.82
C THR B 31 -0.58 5.63 23.13
N PRO B 32 -1.56 6.40 22.63
CA PRO B 32 -1.71 7.77 23.14
C PRO B 32 -1.90 7.82 24.68
N PRO B 33 -1.40 8.86 25.34
CA PRO B 33 -1.42 8.89 26.82
C PRO B 33 -2.80 8.85 27.49
N ASN B 34 -3.81 9.40 26.84
CA ASN B 34 -5.12 9.58 27.44
C ASN B 34 -5.90 8.26 27.46
N ALA B 35 -5.98 7.65 28.64
CA ALA B 35 -6.68 6.38 28.80
C ALA B 35 -8.14 6.69 29.02
N VAL B 36 -9.01 5.97 28.30
CA VAL B 36 -10.43 6.20 28.35
C VAL B 36 -11.16 5.00 28.95
N ASP B 37 -11.67 5.16 30.17
CA ASP B 37 -12.41 4.10 30.83
C ASP B 37 -13.77 3.90 30.13
N GLN B 38 -14.02 2.67 29.69
CA GLN B 38 -15.28 2.31 29.08
C GLN B 38 -16.49 2.57 29.98
N SER B 39 -16.30 2.41 31.29
CA SER B 39 -17.44 2.47 32.22
C SER B 39 -18.11 3.85 32.24
N SER B 40 -17.31 4.89 32.06
CA SER B 40 -17.81 6.26 32.08
C SER B 40 -17.92 6.84 30.67
N TYR B 41 -17.62 6.03 29.66
CA TYR B 41 -17.50 6.58 28.32
C TYR B 41 -18.83 7.04 27.74
N PRO B 42 -19.91 6.31 28.03
CA PRO B 42 -21.20 6.81 27.53
C PRO B 42 -21.48 8.26 27.96
N ASP B 43 -21.28 8.58 29.24
CA ASP B 43 -21.50 9.94 29.75
C ASP B 43 -20.63 10.92 29.00
N TYR B 44 -19.34 10.62 28.95
CA TYR B 44 -18.33 11.47 28.32
C TYR B 44 -18.62 11.75 26.85
N TYR B 45 -18.91 10.68 26.12
CA TYR B 45 -19.11 10.78 24.68
C TYR B 45 -20.35 11.62 24.36
N PHE B 46 -21.46 11.37 25.05
CA PHE B 46 -22.68 12.12 24.79
C PHE B 46 -22.58 13.58 25.28
N LYS B 47 -21.69 13.83 26.23
CA LYS B 47 -21.40 15.19 26.67
C LYS B 47 -20.57 15.93 25.64
N ILE B 48 -19.51 15.32 25.15
CA ILE B 48 -18.57 16.04 24.30
C ILE B 48 -19.11 16.21 22.86
N THR B 49 -20.10 15.39 22.50
CA THR B 49 -20.80 15.54 21.22
C THR B 49 -22.11 16.32 21.36
N ASN B 50 -22.33 16.91 22.54
CA ASN B 50 -23.48 17.77 22.81
C ASN B 50 -24.81 17.07 22.55
N SER B 51 -24.91 15.84 23.03
CA SER B 51 -26.04 14.96 22.73
C SER B 51 -26.72 14.48 24.01
N GLU B 52 -26.52 15.17 25.11
CA GLU B 52 -27.05 14.74 26.40
C GLU B 52 -28.59 14.61 26.35
N HIS B 53 -29.22 15.42 25.52
CA HIS B 53 -30.67 15.43 25.38
C HIS B 53 -31.23 14.17 24.69
N MET B 54 -30.35 13.40 24.03
CA MET B 54 -30.75 12.16 23.35
C MET B 54 -30.67 10.98 24.35
N THR B 55 -31.60 10.95 25.29
CA THR B 55 -31.53 10.08 26.46
C THR B 55 -31.69 8.61 26.06
N GLU B 56 -32.58 8.35 25.11
CA GLU B 56 -32.83 6.99 24.64
C GLU B 56 -31.67 6.51 23.78
N LEU B 57 -31.06 7.41 23.02
CA LEU B 57 -29.93 7.02 22.21
C LEU B 57 -28.74 6.66 23.11
N LYS B 58 -28.55 7.45 24.16
CA LYS B 58 -27.50 7.21 25.14
C LYS B 58 -27.60 5.84 25.78
N GLU B 59 -28.80 5.42 26.13
CA GLU B 59 -28.94 4.11 26.78
C GLU B 59 -28.59 3.00 25.82
N LYS B 60 -28.93 3.16 24.54
CA LYS B 60 -28.50 2.21 23.51
C LYS B 60 -26.97 2.16 23.47
N PHE B 61 -26.34 3.31 23.65
CA PHE B 61 -24.89 3.35 23.59
C PHE B 61 -24.23 2.75 24.82
N ARG B 62 -24.87 2.94 25.96
CA ARG B 62 -24.43 2.35 27.20
C ARG B 62 -24.48 0.81 27.11
N ARG B 63 -25.50 0.28 26.46
CA ARG B 63 -25.57 -1.16 26.24
C ARG B 63 -24.44 -1.62 25.33
N MET B 64 -24.15 -0.86 24.27
CA MET B 64 -23.07 -1.22 23.35
C MET B 64 -21.76 -1.31 24.10
N CYS B 65 -21.48 -0.29 24.92
CA CYS B 65 -20.28 -0.26 25.75
C CYS B 65 -20.24 -1.37 26.80
N ASP B 66 -21.37 -1.66 27.43
CA ASP B 66 -21.40 -2.73 28.44
C ASP B 66 -21.15 -4.12 27.81
N LYS B 67 -21.50 -4.28 26.54
CA LYS B 67 -21.36 -5.57 25.84
C LYS B 67 -20.04 -5.72 25.06
N SER B 68 -19.27 -4.64 25.01
CA SER B 68 -18.15 -4.53 24.12
C SER B 68 -16.97 -5.42 24.51
N ALA B 69 -16.95 -5.85 25.77
CA ALA B 69 -15.84 -6.61 26.38
C ALA B 69 -14.55 -5.80 26.35
N ILE B 70 -14.68 -4.48 26.45
CA ILE B 70 -13.57 -3.53 26.47
C ILE B 70 -13.67 -2.79 27.78
N LYS B 71 -12.54 -2.59 28.46
CA LYS B 71 -12.52 -1.88 29.74
C LYS B 71 -11.77 -0.54 29.64
N LYS B 72 -10.84 -0.47 28.69
CA LYS B 72 -9.94 0.66 28.53
C LYS B 72 -9.57 0.83 27.05
N ARG B 73 -9.58 2.07 26.57
CA ARG B 73 -8.99 2.44 25.25
C ARG B 73 -8.08 3.65 25.42
N TYR B 74 -7.24 3.90 24.42
CA TYR B 74 -6.45 5.13 24.41
C TYR B 74 -6.79 5.98 23.20
N MET B 75 -6.81 7.29 23.37
CA MET B 75 -7.21 8.16 22.28
C MET B 75 -6.39 9.43 22.22
N TYR B 76 -5.87 9.68 21.03
CA TYR B 76 -5.28 10.95 20.68
C TYR B 76 -6.30 12.08 20.90
N LEU B 77 -7.56 11.83 20.58
CA LEU B 77 -8.57 12.85 20.78
C LEU B 77 -8.85 13.03 22.25
N THR B 78 -8.72 14.27 22.68
CA THR B 78 -9.00 14.63 24.06
C THR B 78 -10.17 15.60 24.06
N GLU B 79 -10.75 15.84 25.23
CA GLU B 79 -11.76 16.88 25.38
C GLU B 79 -11.28 18.20 24.74
N GLU B 80 -10.08 18.64 25.11
CA GLU B 80 -9.57 19.93 24.67
C GLU B 80 -9.52 19.96 23.17
N ILE B 81 -9.02 18.89 22.56
CA ILE B 81 -8.90 18.84 21.11
C ILE B 81 -10.29 18.88 20.46
N LEU B 82 -11.23 18.13 21.03
CA LEU B 82 -12.58 18.13 20.52
C LEU B 82 -13.23 19.50 20.70
N LYS B 83 -12.89 20.19 21.77
CA LYS B 83 -13.38 21.55 22.03
C LYS B 83 -12.89 22.52 20.96
N GLU B 84 -11.71 22.25 20.40
CA GLU B 84 -11.13 23.09 19.36
C GLU B 84 -11.65 22.70 17.97
N ASN B 85 -12.38 21.60 17.89
CA ASN B 85 -12.80 21.02 16.59
C ASN B 85 -14.24 20.55 16.61
N PRO B 86 -15.19 21.46 16.84
CA PRO B 86 -16.61 21.11 17.03
C PRO B 86 -17.22 20.34 15.85
N LYS B 87 -16.69 20.53 14.65
CA LYS B 87 -17.21 19.85 13.46
C LYS B 87 -16.87 18.35 13.49
N VAL B 88 -15.77 18.00 14.15
CA VAL B 88 -15.43 16.60 14.41
C VAL B 88 -16.44 15.96 15.40
N CYS B 89 -16.99 16.78 16.29
CA CYS B 89 -17.96 16.30 17.28
C CYS B 89 -19.37 16.12 16.72
N GLU B 90 -19.63 16.68 15.54
CA GLU B 90 -20.94 16.57 14.91
C GLU B 90 -21.03 15.21 14.28
N TYR B 91 -22.25 14.73 14.06
CA TYR B 91 -22.48 13.48 13.35
C TYR B 91 -21.85 13.56 11.94
N MET B 92 -22.19 14.61 11.19
CA MET B 92 -21.78 14.70 9.77
C MET B 92 -21.54 16.14 9.32
N ALA B 93 -20.34 16.64 9.64
CA ALA B 93 -19.96 17.98 9.26
C ALA B 93 -18.65 17.91 8.49
N PRO B 94 -18.47 18.84 7.52
CA PRO B 94 -17.20 18.90 6.79
C PRO B 94 -16.03 18.99 7.78
N SER B 95 -15.17 17.98 7.78
CA SER B 95 -14.16 17.87 8.81
C SER B 95 -12.92 17.09 8.41
N LEU B 96 -12.88 16.62 7.17
CA LEU B 96 -11.74 15.87 6.69
C LEU B 96 -10.41 16.63 6.86
N ASP B 97 -10.40 17.92 6.51
CA ASP B 97 -9.18 18.72 6.60
C ASP B 97 -8.66 18.79 8.06
N ALA B 98 -9.54 19.04 9.02
CA ALA B 98 -9.16 19.08 10.43
C ALA B 98 -8.66 17.71 10.92
N ARG B 99 -9.30 16.63 10.48
CA ARG B 99 -8.91 15.26 10.83
C ARG B 99 -7.57 14.84 10.21
N GLN B 100 -7.37 15.15 8.93
CA GLN B 100 -6.09 15.00 8.26
C GLN B 100 -4.96 15.78 8.99
N ASP B 101 -5.22 17.00 9.41
CA ASP B 101 -4.18 17.81 10.02
C ASP B 101 -3.69 17.11 11.28
N MET B 102 -4.59 16.42 11.97
CA MET B 102 -4.24 15.65 13.15
C MET B 102 -3.45 14.39 12.80
N VAL B 103 -4.03 13.54 11.98
CA VAL B 103 -3.52 12.18 11.87
C VAL B 103 -2.29 12.07 10.97
N VAL B 104 -2.09 13.05 10.07
CA VAL B 104 -0.93 13.05 9.20
C VAL B 104 0.33 13.25 10.03
N VAL B 105 0.20 13.94 11.16
CA VAL B 105 1.25 14.03 12.17
C VAL B 105 1.18 12.90 13.24
N GLU B 106 0.03 12.68 13.87
CA GLU B 106 0.00 11.72 14.98
C GLU B 106 0.33 10.26 14.57
N VAL B 107 -0.03 9.87 13.35
CA VAL B 107 0.12 8.45 12.96
C VAL B 107 1.60 8.03 12.94
N PRO B 108 2.48 8.83 12.27
CA PRO B 108 3.92 8.51 12.34
C PRO B 108 4.53 8.76 13.71
N ARG B 109 3.98 9.73 14.44
CA ARG B 109 4.48 10.05 15.77
C ARG B 109 4.34 8.85 16.68
N LEU B 110 3.13 8.28 16.72
CA LEU B 110 2.87 7.14 17.57
C LEU B 110 3.61 5.93 17.04
N GLY B 111 3.69 5.84 15.72
CA GLY B 111 4.43 4.77 15.07
C GLY B 111 5.90 4.85 15.39
N LYS B 112 6.46 6.06 15.52
CA LYS B 112 7.87 6.16 15.88
C LYS B 112 8.11 5.67 17.30
N GLU B 113 7.23 6.03 18.21
CA GLU B 113 7.34 5.58 19.58
C GLU B 113 7.38 4.06 19.67
N ALA B 114 6.46 3.40 18.99
CA ALA B 114 6.46 1.94 18.94
C ALA B 114 7.74 1.37 18.29
N ALA B 115 8.20 1.98 17.22
CA ALA B 115 9.39 1.51 16.50
C ALA B 115 10.67 1.66 17.34
N ALA B 116 10.81 2.79 18.02
CA ALA B 116 11.93 3.02 18.94
C ALA B 116 12.04 1.92 20.01
N LYS B 117 10.92 1.54 20.63
CA LYS B 117 10.86 0.39 21.55
C LYS B 117 11.27 -0.91 20.90
N ALA B 118 10.79 -1.15 19.68
CA ALA B 118 11.10 -2.40 19.02
C ALA B 118 12.59 -2.48 18.67
N ILE B 119 13.11 -1.39 18.13
CA ILE B 119 14.52 -1.31 17.78
C ILE B 119 15.39 -1.48 19.03
N LYS B 120 14.93 -0.94 20.15
CA LYS B 120 15.67 -1.09 21.39
C LYS B 120 15.74 -2.55 21.82
N GLU B 121 14.62 -3.27 21.77
CA GLU B 121 14.60 -4.69 22.12
C GLU B 121 15.50 -5.50 21.18
N TRP B 122 15.33 -5.32 19.87
CA TRP B 122 16.20 -5.94 18.88
C TRP B 122 17.69 -5.73 19.19
N GLY B 123 18.07 -4.51 19.55
CA GLY B 123 19.41 -4.20 20.08
C GLY B 123 20.50 -3.98 19.04
N GLN B 124 20.10 -4.07 17.77
CA GLN B 124 21.00 -3.85 16.64
C GLN B 124 20.96 -2.40 16.14
N PRO B 125 22.03 -1.92 15.50
CA PRO B 125 22.02 -0.55 14.95
C PRO B 125 20.84 -0.33 14.01
N LYS B 126 20.24 0.85 14.03
CA LYS B 126 19.10 1.11 13.16
C LYS B 126 19.52 1.16 11.68
N SER B 127 20.81 1.36 11.42
CA SER B 127 21.32 1.37 10.04
C SER B 127 21.16 0.00 9.36
N LYS B 128 20.91 -1.03 10.16
CA LYS B 128 20.78 -2.37 9.61
C LYS B 128 19.36 -2.66 9.11
N ILE B 129 18.43 -1.74 9.35
CA ILE B 129 17.09 -1.86 8.84
C ILE B 129 17.19 -1.52 7.35
N THR B 130 16.76 -2.45 6.52
CA THR B 130 16.82 -2.35 5.06
C THR B 130 15.47 -2.01 4.42
N HIS B 131 14.40 -2.34 5.14
CA HIS B 131 13.03 -2.21 4.68
C HIS B 131 12.12 -1.68 5.80
N VAL B 132 11.06 -1.01 5.35
CA VAL B 132 10.05 -0.42 6.22
C VAL B 132 8.66 -0.61 5.63
N ILE B 133 7.76 -1.21 6.41
CA ILE B 133 6.38 -1.35 5.97
C ILE B 133 5.59 -0.51 6.95
N PHE B 134 4.81 0.42 6.42
CA PHE B 134 3.98 1.23 7.29
C PHE B 134 2.54 1.02 6.87
N CYS B 135 1.71 0.68 7.84
CA CYS B 135 0.30 0.42 7.62
C CYS B 135 -0.58 1.29 8.52
N THR B 136 -1.58 1.93 7.92
CA THR B 136 -2.54 2.75 8.68
C THR B 136 -3.85 2.86 7.88
N THR B 137 -4.94 3.07 8.60
CA THR B 137 -6.28 3.29 8.00
C THR B 137 -6.72 4.69 8.34
N SER B 138 -5.82 5.51 8.87
CA SER B 138 -6.17 6.85 9.29
C SER B 138 -5.33 7.91 8.60
N GLY B 139 -5.97 8.62 7.69
CA GLY B 139 -5.31 9.66 6.95
C GLY B 139 -4.47 9.17 5.77
N VAL B 140 -4.17 10.09 4.88
CA VAL B 140 -3.28 9.83 3.75
C VAL B 140 -2.56 11.12 3.40
N ASP B 141 -1.35 10.96 2.89
CA ASP B 141 -0.50 12.09 2.56
C ASP B 141 0.64 11.65 1.64
N MET B 142 1.20 12.62 0.92
CA MET B 142 2.36 12.41 0.05
C MET B 142 3.40 13.45 0.40
N PRO B 143 4.62 13.03 0.78
CA PRO B 143 5.12 11.67 1.01
C PRO B 143 4.37 11.04 2.17
N GLY B 144 4.41 9.72 2.25
CA GLY B 144 3.57 9.03 3.21
C GLY B 144 4.10 8.99 4.62
N ALA B 145 3.31 8.42 5.52
CA ALA B 145 3.75 8.19 6.91
C ALA B 145 5.06 7.39 7.00
N ASP B 146 5.31 6.55 6.00
CA ASP B 146 6.53 5.76 5.94
C ASP B 146 7.77 6.66 5.78
N TYR B 147 7.68 7.70 4.95
CA TYR B 147 8.74 8.66 4.82
C TYR B 147 8.90 9.44 6.14
N GLN B 148 7.77 9.81 6.74
CA GLN B 148 7.85 10.55 8.00
C GLN B 148 8.57 9.71 9.05
N LEU B 149 8.22 8.43 9.14
CA LEU B 149 8.83 7.55 10.12
C LEU B 149 10.34 7.43 9.89
N THR B 150 10.70 7.30 8.62
CA THR B 150 12.09 7.18 8.24
C THR B 150 12.87 8.43 8.71
N LYS B 151 12.26 9.61 8.52
CA LYS B 151 12.91 10.87 8.86
C LYS B 151 12.98 10.99 10.37
N LEU B 152 11.89 10.62 11.04
CA LEU B 152 11.84 10.69 12.52
C LEU B 152 12.85 9.71 13.18
N LEU B 153 12.98 8.51 12.64
CA LEU B 153 13.91 7.54 13.23
C LEU B 153 15.37 7.78 12.83
N GLY B 154 15.58 8.57 11.77
CA GLY B 154 16.89 8.71 11.18
C GLY B 154 17.39 7.42 10.59
N LEU B 155 16.52 6.67 9.94
CA LEU B 155 16.93 5.50 9.18
C LEU B 155 17.70 5.92 7.94
N ARG B 156 18.34 4.97 7.25
CA ARG B 156 19.07 5.22 6.01
C ARG B 156 18.14 5.70 4.89
N PRO B 157 18.61 6.68 4.10
CA PRO B 157 17.76 7.26 3.05
C PRO B 157 17.29 6.18 2.08
N SER B 158 18.09 5.12 2.02
CA SER B 158 17.86 3.99 1.11
C SER B 158 17.01 2.83 1.61
N VAL B 159 16.36 2.96 2.78
CA VAL B 159 15.45 1.89 3.20
C VAL B 159 14.38 1.72 2.12
N LYS B 160 14.04 0.47 1.85
CA LYS B 160 13.00 0.12 0.89
C LYS B 160 11.64 0.13 1.57
N ARG B 161 10.81 1.09 1.18
CA ARG B 161 9.53 1.34 1.85
C ARG B 161 8.31 0.76 1.13
N VAL B 162 7.40 0.18 1.91
CA VAL B 162 6.08 -0.24 1.42
C VAL B 162 5.04 0.48 2.28
N MET B 163 4.36 1.45 1.68
CA MET B 163 3.37 2.27 2.38
C MET B 163 2.01 1.71 2.08
N MET B 164 1.29 1.36 3.15
CA MET B 164 -0.02 0.69 3.03
C MET B 164 -1.07 1.51 3.73
N TYR B 165 -1.79 2.23 2.89
CA TYR B 165 -2.82 3.15 3.31
C TYR B 165 -4.20 2.53 3.16
N GLN B 166 -5.07 2.89 4.10
CA GLN B 166 -6.51 2.66 3.97
C GLN B 166 -6.99 1.20 3.80
N GLN B 167 -6.32 0.22 4.40
CA GLN B 167 -6.78 -1.18 4.27
C GLN B 167 -7.78 -1.61 5.33
N GLY B 168 -7.68 -1.09 6.54
CA GLY B 168 -8.59 -1.48 7.60
C GLY B 168 -8.12 -2.66 8.44
N PHE B 170 -7.98 -6.00 8.66
CA PHE B 170 -7.26 -7.27 8.32
C PHE B 170 -5.77 -7.06 8.10
N ALA B 171 -5.34 -5.80 8.07
CA ALA B 171 -4.04 -5.43 7.56
C ALA B 171 -2.90 -5.80 8.49
N GLY B 172 -3.21 -6.17 9.74
CA GLY B 172 -2.19 -6.67 10.68
C GLY B 172 -1.62 -8.00 10.20
N GLY B 173 -2.48 -8.81 9.60
CA GLY B 173 -2.06 -9.97 8.87
C GLY B 173 -1.33 -9.65 7.57
N THR B 174 -1.87 -8.69 6.80
CA THR B 174 -1.25 -8.27 5.54
C THR B 174 0.21 -7.83 5.68
N VAL B 175 0.54 -7.05 6.69
CA VAL B 175 1.91 -6.55 6.81
C VAL B 175 2.88 -7.69 7.10
N LEU B 176 2.38 -8.75 7.77
CA LEU B 176 3.18 -9.94 7.97
C LEU B 176 3.40 -10.73 6.69
N ARG B 177 2.34 -10.82 5.90
CA ARG B 177 2.41 -11.54 4.64
C ARG B 177 3.42 -10.87 3.70
N VAL B 178 3.41 -9.54 3.68
CA VAL B 178 4.33 -8.79 2.86
C VAL B 178 5.76 -8.92 3.41
N ALA B 179 5.87 -8.78 4.72
CA ALA B 179 7.15 -8.81 5.43
C ALA B 179 7.82 -10.13 5.20
N LYS B 180 7.02 -11.19 5.16
CA LYS B 180 7.56 -12.51 4.98
C LYS B 180 8.29 -12.61 3.63
N ASP B 181 7.71 -12.07 2.56
CA ASP B 181 8.38 -12.12 1.27
C ASP B 181 9.58 -11.18 1.16
N LEU B 182 9.51 -10.04 1.83
CA LEU B 182 10.61 -9.09 1.76
C LEU B 182 11.81 -9.72 2.46
N ALA B 183 11.57 -10.28 3.63
CA ALA B 183 12.65 -10.83 4.46
C ALA B 183 13.25 -12.11 3.84
N GLU B 184 12.39 -13.01 3.40
CA GLU B 184 12.86 -14.31 2.92
C GLU B 184 13.59 -14.20 1.60
N ASN B 185 13.26 -13.16 0.81
CA ASN B 185 13.82 -13.10 -0.53
C ASN B 185 15.01 -12.15 -0.63
N ASN B 186 15.48 -11.64 0.51
CA ASN B 186 16.58 -10.68 0.51
C ASN B 186 17.56 -10.99 1.62
N ARG B 187 18.72 -11.54 1.25
CA ARG B 187 19.69 -11.90 2.27
C ARG B 187 20.08 -10.67 3.09
N GLY B 188 19.97 -10.80 4.42
CA GLY B 188 20.38 -9.76 5.35
C GLY B 188 19.28 -8.78 5.68
N ALA B 189 18.17 -8.90 4.98
CA ALA B 189 17.14 -7.87 5.10
C ALA B 189 16.57 -7.92 6.49
N ARG B 190 16.32 -6.72 7.01
CA ARG B 190 15.72 -6.53 8.31
C ARG B 190 14.60 -5.50 8.10
N VAL B 191 13.40 -5.94 8.41
CA VAL B 191 12.18 -5.21 8.00
C VAL B 191 11.55 -4.57 9.23
N LEU B 192 11.46 -3.24 9.23
CA LEU B 192 10.70 -2.56 10.25
C LEU B 192 9.25 -2.52 9.78
N VAL B 193 8.37 -3.15 10.56
CA VAL B 193 6.94 -3.19 10.28
C VAL B 193 6.20 -2.33 11.31
N VAL B 194 5.50 -1.31 10.85
CA VAL B 194 4.73 -0.46 11.74
C VAL B 194 3.26 -0.38 11.30
N CYS B 195 2.38 -0.74 12.21
CA CYS B 195 0.95 -0.48 12.08
C CYS B 195 0.57 0.58 13.12
N SER B 196 -0.08 1.64 12.68
CA SER B 196 -0.40 2.76 13.55
C SER B 196 -1.77 3.29 13.21
N GLU B 197 -2.64 3.37 14.22
CA GLU B 197 -4.05 3.60 14.00
C GLU B 197 -4.60 4.64 15.00
N ILE B 198 -5.23 5.69 14.46
CA ILE B 198 -5.72 6.84 15.21
C ILE B 198 -7.16 7.06 14.79
N THR B 199 -8.10 7.00 15.75
CA THR B 199 -9.53 7.09 15.46
C THR B 199 -10.02 8.51 15.20
N ALA B 200 -9.15 9.51 15.31
CA ALA B 200 -9.56 10.88 14.99
C ALA B 200 -10.15 11.00 13.57
N VAL B 201 -9.88 10.03 12.71
CA VAL B 201 -10.39 10.11 11.34
C VAL B 201 -11.87 9.63 11.23
N THR B 202 -12.30 8.79 12.18
CA THR B 202 -13.66 8.22 12.15
C THR B 202 -14.54 8.75 13.29
N PHE B 203 -13.95 9.41 14.27
CA PHE B 203 -14.74 9.84 15.43
C PHE B 203 -15.80 10.85 14.99
N ARG B 204 -17.03 10.64 15.45
CA ARG B 204 -18.11 11.59 15.18
C ARG B 204 -19.23 11.35 16.18
N GLY B 205 -20.17 12.29 16.20
CA GLY B 205 -21.25 12.29 17.13
C GLY B 205 -22.31 11.30 16.73
N PRO B 206 -23.25 11.04 17.64
CA PRO B 206 -24.26 10.00 17.43
C PRO B 206 -25.48 10.45 16.63
N SER B 207 -26.12 9.49 15.98
CA SER B 207 -27.37 9.72 15.24
C SER B 207 -28.31 8.57 15.56
N ASP B 208 -29.55 8.88 15.96
CA ASP B 208 -30.48 7.83 16.36
C ASP B 208 -31.06 7.10 15.14
N THR B 209 -30.69 7.53 13.95
CA THR B 209 -31.09 6.80 12.74
C THR B 209 -29.92 6.01 12.16
N HIS B 210 -28.78 6.01 12.85
CA HIS B 210 -27.60 5.24 12.41
C HIS B 210 -26.89 4.51 13.56
N LEU B 211 -27.62 3.62 14.21
CA LEU B 211 -27.13 2.93 15.38
C LEU B 211 -25.89 2.12 15.10
N ASP B 212 -25.84 1.49 13.93
CA ASP B 212 -24.68 0.68 13.56
C ASP B 212 -23.43 1.56 13.42
N SER B 213 -23.62 2.85 13.13
CA SER B 213 -22.49 3.77 13.04
C SER B 213 -21.98 4.12 14.44
N MET B 214 -22.85 3.96 15.42
CA MET B 214 -22.48 4.22 16.80
C MET B 214 -21.56 3.11 17.36
N VAL B 215 -21.72 1.88 16.88
CA VAL B 215 -20.91 0.73 17.31
C VAL B 215 -19.40 1.01 17.36
N GLY B 216 -18.86 1.55 16.27
CA GLY B 216 -17.45 1.86 16.15
C GLY B 216 -17.00 2.82 17.22
N GLN B 217 -17.88 3.72 17.65
CA GLN B 217 -17.56 4.65 18.73
C GLN B 217 -17.40 3.90 20.08
N ALA B 218 -18.00 2.72 20.17
CA ALA B 218 -17.87 1.91 21.37
C ALA B 218 -16.60 1.03 21.37
N LEU B 219 -16.07 0.70 20.19
CA LEU B 219 -15.12 -0.39 20.03
C LEU B 219 -13.71 0.04 19.63
N PHE B 220 -13.61 1.06 18.77
CA PHE B 220 -12.33 1.48 18.21
C PHE B 220 -11.48 2.25 19.20
N GLY B 221 -10.23 1.87 19.28
CA GLY B 221 -9.24 2.57 20.09
C GLY B 221 -8.00 2.84 19.26
N ASP B 222 -7.12 3.66 19.79
CA ASP B 222 -5.85 3.99 19.12
C ASP B 222 -4.65 3.12 19.59
N GLY B 223 -3.67 2.95 18.73
CA GLY B 223 -2.48 2.23 19.12
C GLY B 223 -1.58 2.02 17.92
N ALA B 224 -0.30 1.83 18.22
CA ALA B 224 0.69 1.50 17.19
C ALA B 224 1.55 0.36 17.67
N ALA B 225 1.88 -0.51 16.73
CA ALA B 225 2.75 -1.64 16.99
C ALA B 225 3.88 -1.67 15.97
N ALA B 226 5.08 -2.01 16.44
CA ALA B 226 6.23 -2.15 15.55
C ALA B 226 6.87 -3.52 15.72
N LEU B 227 7.30 -4.11 14.61
CA LEU B 227 8.06 -5.36 14.61
C LEU B 227 9.39 -5.22 13.84
N ILE B 228 10.40 -6.01 14.21
CA ILE B 228 11.55 -6.28 13.34
C ILE B 228 11.38 -7.72 12.79
N VAL B 229 11.34 -7.87 11.46
CA VAL B 229 11.26 -9.17 10.82
C VAL B 229 12.51 -9.43 9.96
N GLY B 230 13.06 -10.64 10.08
CA GLY B 230 14.15 -11.05 9.21
C GLY B 230 14.36 -12.55 9.22
N ALA B 231 14.95 -13.05 8.13
CA ALA B 231 15.39 -14.45 8.07
C ALA B 231 16.84 -14.54 8.54
N ASP B 232 17.29 -15.77 8.74
CA ASP B 232 18.68 -16.02 9.12
C ASP B 232 19.11 -15.11 10.32
N PRO B 233 18.46 -15.28 11.46
CA PRO B 233 18.86 -14.57 12.69
C PRO B 233 20.32 -14.80 13.07
N VAL B 234 21.02 -13.76 13.55
CA VAL B 234 22.41 -13.90 13.96
C VAL B 234 22.46 -14.58 15.34
N PRO B 235 23.12 -15.75 15.39
CA PRO B 235 23.08 -16.58 16.60
C PRO B 235 23.54 -15.83 17.84
N GLU B 236 22.83 -15.95 18.95
CA GLU B 236 23.26 -15.37 20.24
C GLU B 236 23.24 -13.84 20.27
N VAL B 237 22.71 -13.22 19.22
CA VAL B 237 22.74 -11.77 19.09
C VAL B 237 21.32 -11.31 18.83
N GLU B 238 20.65 -11.96 17.88
CA GLU B 238 19.22 -11.71 17.65
C GLU B 238 18.39 -12.82 18.29
N LYS B 239 17.18 -12.46 18.74
CA LYS B 239 16.32 -13.41 19.47
C LYS B 239 14.90 -13.50 18.87
N PRO B 240 14.67 -14.52 18.05
CA PRO B 240 13.32 -14.72 17.49
C PRO B 240 12.30 -15.13 18.54
N CYS B 241 11.07 -14.64 18.35
CA CYS B 241 9.95 -15.03 19.21
C CYS B 241 8.88 -15.79 18.41
N PHE B 242 8.82 -15.57 17.09
CA PHE B 242 7.93 -16.33 16.18
C PHE B 242 8.56 -16.44 14.80
N GLU B 243 8.22 -17.49 14.07
CA GLU B 243 8.59 -17.66 12.69
C GLU B 243 7.34 -17.60 11.83
N LEU B 244 7.45 -17.00 10.65
CA LEU B 244 6.32 -16.99 9.69
C LEU B 244 6.45 -18.16 8.72
N MET B 245 5.47 -19.07 8.75
CA MET B 245 5.52 -20.31 7.99
C MET B 245 4.72 -20.29 6.67
N TRP B 246 3.60 -19.57 6.64
CA TRP B 246 2.65 -19.69 5.52
C TRP B 246 1.59 -18.64 5.63
N THR B 247 1.16 -18.10 4.50
CA THR B 247 0.15 -17.07 4.52
C THR B 247 -0.91 -17.29 3.45
N ALA B 248 -2.08 -16.73 3.73
CA ALA B 248 -3.18 -16.67 2.78
C ALA B 248 -4.04 -15.41 2.99
N GLN B 249 -4.72 -15.01 1.93
CA GLN B 249 -5.72 -13.98 1.99
C GLN B 249 -6.92 -14.46 1.19
N THR B 250 -8.12 -14.23 1.71
CA THR B 250 -9.31 -14.62 0.97
C THR B 250 -10.50 -13.70 1.22
N ILE B 251 -11.43 -13.72 0.27
CA ILE B 251 -12.66 -12.95 0.34
C ILE B 251 -13.76 -13.93 0.64
N LEU B 252 -14.51 -13.70 1.72
CA LEU B 252 -15.49 -14.67 2.12
C LEU B 252 -16.71 -14.69 1.20
N PRO B 253 -17.29 -15.88 0.96
CA PRO B 253 -18.47 -15.93 0.08
C PRO B 253 -19.65 -15.18 0.70
N ASP B 254 -20.47 -14.62 -0.17
CA ASP B 254 -21.70 -13.89 0.17
C ASP B 254 -21.45 -12.76 1.15
N SER B 255 -20.37 -12.01 0.97
CA SER B 255 -19.99 -10.98 1.95
C SER B 255 -19.87 -9.60 1.34
N ASP B 256 -20.40 -9.42 0.13
CA ASP B 256 -20.30 -8.14 -0.57
C ASP B 256 -20.87 -6.98 0.24
N GLY B 257 -20.06 -5.96 0.52
CA GLY B 257 -20.56 -4.77 1.20
C GLY B 257 -20.67 -4.92 2.71
N ALA B 258 -20.17 -6.02 3.28
CA ALA B 258 -20.32 -6.25 4.72
C ALA B 258 -19.65 -5.15 5.53
N ILE B 259 -18.48 -4.73 5.07
CA ILE B 259 -17.78 -3.58 5.66
C ILE B 259 -17.21 -2.71 4.54
N ASP B 260 -17.86 -1.59 4.31
CA ASP B 260 -17.38 -0.58 3.40
C ASP B 260 -16.98 0.62 4.22
N GLY B 261 -15.82 1.16 3.93
CA GLY B 261 -15.37 2.40 4.51
C GLY B 261 -15.10 3.40 3.42
N HIS B 262 -15.66 4.58 3.55
CA HIS B 262 -15.53 5.62 2.54
C HIS B 262 -14.87 6.83 3.18
N LEU B 263 -13.84 7.35 2.53
CA LEU B 263 -13.17 8.55 3.00
C LEU B 263 -13.80 9.72 2.25
N ARG B 264 -14.52 10.53 3.01
CA ARG B 264 -15.30 11.62 2.46
C ARG B 264 -15.01 12.97 3.15
N GLU B 265 -15.69 14.02 2.74
CA GLU B 265 -15.44 15.36 3.30
C GLU B 265 -15.73 15.44 4.79
N VAL B 266 -16.59 14.53 5.23
CA VAL B 266 -16.99 14.37 6.60
C VAL B 266 -16.01 13.44 7.38
N GLY B 267 -15.01 12.93 6.66
CA GLY B 267 -14.03 12.03 7.25
C GLY B 267 -14.33 10.60 6.86
N LEU B 268 -13.79 9.66 7.65
CA LEU B 268 -14.00 8.24 7.39
C LEU B 268 -15.33 7.76 7.98
N THR B 269 -16.20 7.26 7.11
CA THR B 269 -17.55 6.78 7.45
C THR B 269 -17.70 5.33 7.01
N PHE B 270 -18.40 4.50 7.76
CA PHE B 270 -18.56 3.09 7.38
C PHE B 270 -20.00 2.75 6.97
N HIS B 271 -20.15 1.81 6.05
CA HIS B 271 -21.45 1.29 5.69
C HIS B 271 -21.39 -0.24 5.85
N LEU B 272 -22.27 -0.72 6.72
CA LEU B 272 -22.18 -2.07 7.25
C LEU B 272 -23.38 -2.90 6.84
N LEU B 273 -23.12 -4.13 6.42
CA LEU B 273 -24.16 -5.07 6.11
C LEU B 273 -23.76 -6.44 6.64
N LYS B 274 -24.68 -7.38 6.49
CA LYS B 274 -24.41 -8.78 6.74
C LYS B 274 -24.28 -9.12 8.22
N ASP B 275 -24.12 -10.41 8.44
CA ASP B 275 -23.79 -10.96 9.74
C ASP B 275 -22.30 -11.33 9.73
N VAL B 276 -21.47 -10.37 10.12
CA VAL B 276 -20.03 -10.53 10.06
C VAL B 276 -19.54 -11.67 10.97
N PRO B 277 -19.99 -11.70 12.24
CA PRO B 277 -19.57 -12.83 13.07
C PRO B 277 -20.06 -14.19 12.54
N GLY B 278 -21.23 -14.21 11.92
CA GLY B 278 -21.71 -15.42 11.23
C GLY B 278 -20.85 -15.79 10.03
N LEU B 279 -20.55 -14.82 9.19
CA LEU B 279 -19.73 -15.05 8.01
C LEU B 279 -18.34 -15.64 8.38
N ILE B 280 -17.66 -15.01 9.32
CA ILE B 280 -16.35 -15.47 9.75
C ILE B 280 -16.38 -16.88 10.35
N SER B 281 -17.25 -17.11 11.33
CA SER B 281 -17.31 -18.41 11.99
C SER B 281 -17.80 -19.50 11.02
N LYS B 282 -18.65 -19.14 10.06
CA LYS B 282 -19.13 -20.10 9.03
C LYS B 282 -17.99 -20.56 8.11
N ASN B 283 -17.00 -19.71 7.92
CA ASN B 283 -16.00 -19.95 6.87
C ASN B 283 -14.61 -20.22 7.40
N ILE B 284 -14.41 -19.95 8.68
CA ILE B 284 -13.04 -19.97 9.18
C ILE B 284 -12.41 -21.37 9.17
N GLU B 285 -13.17 -22.44 9.37
CA GLU B 285 -12.52 -23.75 9.39
C GLU B 285 -11.96 -24.15 8.01
N LYS B 286 -12.59 -23.68 6.94
CA LYS B 286 -12.07 -23.91 5.59
C LYS B 286 -10.68 -23.33 5.49
N SER B 287 -10.51 -22.13 6.04
CA SER B 287 -9.22 -21.44 6.04
C SER B 287 -8.19 -22.18 6.91
N LEU B 288 -8.64 -22.72 8.04
CA LEU B 288 -7.77 -23.54 8.89
C LEU B 288 -7.32 -24.79 8.15
N VAL B 289 -8.25 -25.47 7.48
CA VAL B 289 -7.90 -26.71 6.79
C VAL B 289 -6.92 -26.41 5.63
N GLU B 290 -7.14 -25.31 4.90
CA GLU B 290 -6.22 -24.91 3.83
C GLU B 290 -4.81 -24.64 4.35
N ALA B 291 -4.70 -24.02 5.53
CA ALA B 291 -3.37 -23.73 6.11
C ALA B 291 -2.65 -24.94 6.74
N PHE B 292 -3.41 -25.82 7.38
CA PHE B 292 -2.84 -26.78 8.31
C PHE B 292 -2.86 -28.23 7.85
N GLN B 293 -3.58 -28.56 6.78
CA GLN B 293 -3.53 -29.95 6.35
C GLN B 293 -2.09 -30.37 5.97
N GLN B 294 -1.32 -29.45 5.37
CA GLN B 294 0.06 -29.75 4.97
C GLN B 294 0.97 -29.96 6.16
N PHE B 295 0.55 -29.47 7.33
CA PHE B 295 1.29 -29.66 8.57
C PHE B 295 0.67 -30.75 9.43
N GLY B 296 -0.33 -31.46 8.91
CA GLY B 296 -0.90 -32.60 9.59
C GLY B 296 -1.49 -32.23 10.92
N ILE B 297 -1.95 -30.98 11.02
CA ILE B 297 -2.66 -30.48 12.20
C ILE B 297 -4.14 -30.36 11.88
N SER B 298 -4.97 -30.95 12.74
CA SER B 298 -6.41 -31.03 12.54
C SER B 298 -7.18 -30.62 13.80
N ASP B 299 -6.50 -30.63 14.94
CA ASP B 299 -7.09 -30.25 16.24
C ASP B 299 -6.78 -28.79 16.54
N TRP B 300 -7.78 -27.92 16.44
CA TRP B 300 -7.55 -26.50 16.50
C TRP B 300 -7.19 -26.04 17.92
N ASN B 301 -7.42 -26.90 18.89
CA ASN B 301 -6.98 -26.60 20.26
C ASN B 301 -5.49 -26.89 20.48
N GLN B 302 -4.82 -27.48 19.49
CA GLN B 302 -3.37 -27.71 19.61
C GLN B 302 -2.54 -26.58 19.01
N LEU B 303 -3.25 -25.55 18.55
CA LEU B 303 -2.66 -24.33 18.03
C LEU B 303 -2.70 -23.25 19.06
N PHE B 304 -1.68 -22.39 19.14
CA PHE B 304 -1.89 -21.13 19.85
C PHE B 304 -2.57 -20.15 18.87
N TRP B 305 -3.42 -19.30 19.41
CA TRP B 305 -4.33 -18.46 18.62
C TRP B 305 -4.14 -16.96 18.76
N ILE B 306 -4.09 -16.28 17.64
CA ILE B 306 -4.19 -14.81 17.59
C ILE B 306 -5.28 -14.43 16.60
N ALA B 307 -6.39 -13.87 17.08
CA ALA B 307 -7.48 -13.43 16.20
C ALA B 307 -7.77 -11.94 16.34
N HIS B 308 -7.89 -11.25 15.21
CA HIS B 308 -8.26 -9.85 15.27
C HIS B 308 -9.56 -9.68 16.04
N PRO B 309 -9.53 -8.87 17.10
CA PRO B 309 -10.77 -8.84 17.91
C PRO B 309 -11.77 -7.76 17.46
N GLY B 310 -12.40 -7.99 16.30
CA GLY B 310 -13.32 -7.04 15.70
C GLY B 310 -14.41 -6.65 16.67
N GLY B 311 -14.87 -7.67 17.37
CA GLY B 311 -15.74 -7.49 18.51
C GLY B 311 -15.89 -8.81 19.21
N PRO B 312 -16.54 -8.79 20.38
CA PRO B 312 -16.59 -10.03 21.15
C PRO B 312 -17.46 -11.10 20.49
N ALA B 313 -18.45 -10.72 19.68
CA ALA B 313 -19.29 -11.71 19.00
C ALA B 313 -18.48 -12.57 18.01
N ILE B 314 -17.54 -11.94 17.30
CA ILE B 314 -16.63 -12.68 16.41
C ILE B 314 -15.86 -13.73 17.19
N LEU B 315 -15.30 -13.31 18.31
CA LEU B 315 -14.53 -14.22 19.13
C LEU B 315 -15.41 -15.35 19.68
N ASP B 316 -16.57 -15.00 20.23
CA ASP B 316 -17.48 -15.99 20.82
C ASP B 316 -17.97 -17.05 19.82
N GLN B 317 -18.30 -16.60 18.62
CA GLN B 317 -18.85 -17.48 17.61
C GLN B 317 -17.75 -18.34 16.93
N VAL B 318 -16.54 -17.84 16.81
CA VAL B 318 -15.44 -18.70 16.35
C VAL B 318 -15.18 -19.79 17.37
N GLU B 319 -15.12 -19.42 18.64
CA GLU B 319 -14.94 -20.34 19.76
C GLU B 319 -16.02 -21.43 19.79
N ALA B 320 -17.27 -21.00 19.73
CA ALA B 320 -18.40 -21.94 19.71
C ALA B 320 -18.30 -22.86 18.49
N LYS B 321 -18.13 -22.27 17.32
CA LYS B 321 -18.11 -23.03 16.06
C LYS B 321 -17.05 -24.15 16.09
N LEU B 322 -15.85 -23.81 16.54
CA LEU B 322 -14.70 -24.73 16.49
C LEU B 322 -14.53 -25.54 17.77
N ASN B 323 -15.40 -25.28 18.73
CA ASN B 323 -15.30 -25.83 20.07
C ASN B 323 -13.91 -25.61 20.66
N LEU B 324 -13.38 -24.40 20.51
CA LEU B 324 -12.13 -24.08 21.17
C LEU B 324 -12.28 -24.10 22.71
N ASP B 325 -11.23 -24.54 23.39
CA ASP B 325 -11.18 -24.38 24.84
C ASP B 325 -11.27 -22.89 25.13
N PRO B 326 -11.95 -22.50 26.23
CA PRO B 326 -12.16 -21.07 26.44
C PRO B 326 -10.87 -20.30 26.64
N LYS B 327 -9.81 -21.00 27.02
CA LYS B 327 -8.51 -20.36 27.20
C LYS B 327 -7.84 -20.00 25.89
N LYS B 328 -8.25 -20.62 24.79
CA LYS B 328 -7.54 -20.42 23.53
C LYS B 328 -7.46 -18.94 23.16
N LEU B 329 -8.55 -18.20 23.35
CA LEU B 329 -8.55 -16.78 22.98
C LEU B 329 -8.25 -15.83 24.10
N SER B 330 -7.57 -16.30 25.14
CA SER B 330 -7.32 -15.49 26.32
C SER B 330 -6.51 -14.24 26.00
N ALA B 331 -5.42 -14.42 25.30
CA ALA B 331 -4.54 -13.32 24.97
C ALA B 331 -5.26 -12.32 24.08
N THR B 332 -6.02 -12.83 23.11
CA THR B 332 -6.85 -11.99 22.26
C THR B 332 -7.83 -11.17 23.08
N ARG B 333 -8.56 -11.82 23.99
CA ARG B 333 -9.56 -11.07 24.76
C ARG B 333 -8.93 -10.06 25.69
N GLN B 334 -7.74 -10.37 26.20
CA GLN B 334 -7.05 -9.49 27.15
C GLN B 334 -6.68 -8.17 26.48
N VAL B 335 -6.16 -8.23 25.24
CA VAL B 335 -5.80 -7.02 24.48
C VAL B 335 -7.05 -6.21 24.20
N LEU B 336 -8.12 -6.88 23.78
CA LEU B 336 -9.41 -6.21 23.56
C LEU B 336 -9.87 -5.52 24.84
N SER B 337 -9.73 -6.21 25.96
CA SER B 337 -10.15 -5.64 27.23
C SER B 337 -9.31 -4.40 27.57
N ASP B 338 -8.00 -4.45 27.33
CA ASP B 338 -7.12 -3.36 27.74
C ASP B 338 -6.97 -2.23 26.73
N TYR B 339 -7.39 -2.45 25.48
CA TYR B 339 -7.04 -1.51 24.41
C TYR B 339 -8.16 -1.23 23.44
N GLY B 340 -9.20 -2.04 23.44
CA GLY B 340 -10.20 -1.96 22.41
C GLY B 340 -9.71 -2.50 21.09
N ASN B 341 -10.49 -2.23 20.03
CA ASN B 341 -10.11 -2.70 18.72
C ASN B 341 -9.26 -1.61 18.03
N MET B 342 -7.95 -1.83 17.99
CA MET B 342 -7.01 -0.89 17.38
C MET B 342 -6.68 -1.24 15.94
N SER B 343 -7.66 -1.80 15.26
CA SER B 343 -7.56 -2.04 13.83
C SER B 343 -6.27 -2.80 13.52
N SER B 344 -5.50 -2.33 12.54
CA SER B 344 -4.41 -3.19 12.03
C SER B 344 -3.38 -3.53 13.11
N ALA B 345 -3.24 -2.68 14.13
CA ALA B 345 -2.27 -2.90 15.20
C ALA B 345 -2.61 -4.05 16.15
N CYS B 346 -3.90 -4.35 16.26
CA CYS B 346 -4.39 -5.21 17.31
C CYS B 346 -3.69 -6.62 17.37
N VAL B 347 -3.59 -7.36 16.27
CA VAL B 347 -3.02 -8.70 16.36
C VAL B 347 -1.54 -8.66 16.78
N HIS B 348 -0.89 -7.51 16.62
CA HIS B 348 0.51 -7.38 17.01
C HIS B 348 0.68 -7.11 18.52
N PHE B 349 -0.25 -6.38 19.11
CA PHE B 349 -0.36 -6.36 20.57
C PHE B 349 -0.63 -7.75 21.14
N ILE B 350 -1.45 -8.55 20.45
CA ILE B 350 -1.77 -9.88 20.92
C ILE B 350 -0.55 -10.79 20.79
N LEU B 351 0.22 -10.66 19.71
CA LEU B 351 1.47 -11.40 19.62
C LEU B 351 2.39 -11.11 20.79
N ASP B 352 2.41 -9.83 21.19
CA ASP B 352 3.27 -9.40 22.28
C ASP B 352 2.76 -10.00 23.58
N GLU B 353 1.45 -9.95 23.74
CA GLU B 353 0.77 -10.48 24.92
C GLU B 353 0.98 -12.00 25.02
N MET B 354 0.84 -12.68 23.89
CA MET B 354 1.15 -14.09 23.77
C MET B 354 2.57 -14.45 24.29
N ARG B 355 3.60 -13.87 23.70
CA ARG B 355 4.97 -14.18 24.17
C ARG B 355 5.23 -13.76 25.64
N LYS B 356 4.69 -12.63 26.06
CA LYS B 356 4.98 -12.15 27.39
C LYS B 356 4.26 -13.01 28.44
N SER B 357 3.02 -13.37 28.19
CA SER B 357 2.29 -14.19 29.15
C SER B 357 2.92 -15.58 29.19
N SER B 358 3.32 -16.07 28.04
CA SER B 358 3.98 -17.38 28.01
C SER B 358 5.26 -17.43 28.83
N LYS B 359 6.06 -16.36 28.77
CA LYS B 359 7.30 -16.31 29.54
C LYS B 359 6.98 -16.21 31.04
N GLU B 360 6.00 -15.39 31.37
CA GLU B 360 5.66 -15.13 32.77
C GLU B 360 5.04 -16.37 33.42
N LYS B 361 4.25 -17.12 32.65
CA LYS B 361 3.67 -18.36 33.16
C LYS B 361 4.62 -19.53 33.12
N GLY B 362 5.84 -19.30 32.63
CA GLY B 362 6.83 -20.36 32.50
C GLY B 362 6.54 -21.46 31.49
N CYS B 363 5.87 -21.10 30.39
CA CYS B 363 5.55 -22.07 29.35
C CYS B 363 6.81 -22.47 28.59
N SER B 364 6.73 -23.58 27.86
CA SER B 364 7.94 -24.09 27.20
C SER B 364 8.15 -23.42 25.83
N THR B 365 7.18 -22.63 25.37
CA THR B 365 7.33 -21.83 24.16
C THR B 365 6.66 -20.46 24.29
N THR B 366 6.97 -19.61 23.31
CA THR B 366 6.39 -18.28 23.21
C THR B 366 4.89 -18.30 22.84
N GLY B 367 4.38 -19.50 22.50
CA GLY B 367 3.00 -19.71 22.17
C GLY B 367 2.35 -20.68 23.13
N GLU B 368 2.41 -20.36 24.41
CA GLU B 368 1.69 -21.09 25.44
C GLU B 368 2.10 -22.58 25.52
N GLY B 369 3.36 -22.88 25.18
CA GLY B 369 3.88 -24.24 25.23
C GLY B 369 3.62 -25.07 23.98
N LEU B 370 2.89 -24.49 23.04
CA LEU B 370 2.60 -25.13 21.76
C LEU B 370 3.58 -24.68 20.66
N ASP B 371 3.77 -25.52 19.63
CA ASP B 371 4.80 -25.33 18.60
C ASP B 371 4.33 -24.48 17.44
N VAL B 372 3.05 -24.63 17.13
CA VAL B 372 2.45 -23.98 15.98
C VAL B 372 1.21 -23.19 16.39
N GLY B 373 0.98 -22.09 15.68
CA GLY B 373 -0.15 -21.22 15.93
C GLY B 373 -0.67 -20.55 14.67
N VAL B 374 -1.71 -19.74 14.85
CA VAL B 374 -2.40 -19.12 13.71
C VAL B 374 -2.76 -17.71 14.09
N LEU B 375 -2.53 -16.79 13.16
CA LEU B 375 -2.95 -15.42 13.32
C LEU B 375 -3.97 -15.13 12.22
N PHE B 376 -5.06 -14.48 12.60
CA PHE B 376 -6.10 -14.07 11.65
C PHE B 376 -6.36 -12.59 11.71
N GLY B 377 -6.40 -11.92 10.55
CA GLY B 377 -6.93 -10.57 10.45
C GLY B 377 -8.29 -10.61 9.75
N PHE B 378 -9.20 -9.75 10.16
CA PHE B 378 -10.54 -9.68 9.57
C PHE B 378 -10.83 -8.23 9.21
N GLY B 379 -11.34 -7.96 8.02
CA GLY B 379 -11.72 -6.61 7.67
C GLY B 379 -12.49 -6.53 6.36
N PRO B 380 -12.51 -5.33 5.75
CA PRO B 380 -13.27 -5.06 4.52
C PRO B 380 -13.05 -6.10 3.45
N GLY B 381 -14.13 -6.56 2.82
CA GLY B 381 -14.02 -7.57 1.77
C GLY B 381 -15.28 -8.40 1.55
N LEU B 382 -15.68 -9.24 2.51
CA LEU B 382 -15.00 -9.45 3.80
C LEU B 382 -13.70 -10.22 3.62
N THR B 383 -12.59 -9.60 4.02
CA THR B 383 -11.29 -10.21 3.85
C THR B 383 -10.81 -10.91 5.12
N VAL B 384 -10.28 -12.12 4.96
CA VAL B 384 -9.61 -12.83 6.04
C VAL B 384 -8.13 -13.01 5.69
N GLU B 385 -7.24 -12.53 6.56
CA GLU B 385 -5.82 -12.84 6.43
C GLU B 385 -5.49 -14.00 7.36
N THR B 386 -4.74 -14.99 6.86
CA THR B 386 -4.29 -16.16 7.67
C THR B 386 -2.77 -16.21 7.64
N VAL B 387 -2.18 -16.29 8.83
CA VAL B 387 -0.73 -16.43 8.98
C VAL B 387 -0.49 -17.63 9.88
N VAL B 388 0.25 -18.61 9.35
CA VAL B 388 0.70 -19.73 10.15
C VAL B 388 2.02 -19.38 10.81
N LEU B 389 2.03 -19.59 12.12
CA LEU B 389 3.13 -19.22 12.99
C LEU B 389 3.79 -20.43 13.64
N LYS B 390 5.09 -20.34 13.80
CA LYS B 390 5.82 -21.19 14.68
C LYS B 390 6.21 -20.41 15.93
N SER B 391 6.07 -21.03 17.10
CA SER B 391 6.60 -20.43 18.29
C SER B 391 8.09 -20.68 18.34
N VAL B 392 8.70 -20.28 19.45
CA VAL B 392 10.11 -20.47 19.67
C VAL B 392 10.21 -21.06 21.08
N PRO B 393 11.10 -22.06 21.26
CA PRO B 393 11.26 -22.61 22.61
C PRO B 393 11.77 -21.59 23.63
N LEU B 394 11.30 -21.71 24.86
CA LEU B 394 11.84 -20.93 25.98
C LEU B 394 12.74 -21.81 26.84
#